data_8AWM
#
_entry.id   8AWM
#
_cell.length_a   73.072
_cell.length_b   98.587
_cell.length_c   123.133
_cell.angle_alpha   90.000
_cell.angle_beta   90.000
_cell.angle_gamma   90.000
#
_symmetry.space_group_name_H-M   'P 21 21 21'
#
loop_
_entity.id
_entity.type
_entity.pdbx_description
1 polymer 'Heavy chain Fab268'
2 polymer 'Light chain Fab268'
3 polymer Glycoprotein
#
loop_
_entity_poly.entity_id
_entity_poly.type
_entity_poly.pdbx_seq_one_letter_code
_entity_poly.pdbx_strand_id
1 'polypeptide(L)'
;QVHLVESGGGVVQPGKSLRLSCAASGFIFNHFGIHWVRQSPGKGLEWVAVIWYDGSKKYFADSVKGRFSISRDNSQNTVY
LQMNSLRTEDTAVYYCARERWSGHSYLDYWGHGALVTVSSASTKGPSVFPLAPSSKSTSGGTAALGCLVKDYFPEPVTVS
WNSGALTSGVHTFPAVLQSSGLYSLSSVVTVPSSSLGTQTYICNVNHKPSNTKVDKKVE
;
H
2 'polypeptide(L)'
;SNVLTQPPSVSVAPGQTARISCGGNNLESKYVHWYQQKPGQAPVLVVYEDSGRPSGIPERFSGSNSGGTATLTISRVEAG
DEADYYCQEWDTSSDYPVFGGGTKVTVLGQPKAAPSVTLFPPSSEELQANKATLVCLISDFYPGAVTVAWKADSSPVKAG
VETTTPSKQSNNKYAASSYLSLTPEQWKSHRSYSCQVTHEGSTVEKTVAPTECS
;
L
3 'polypeptide(L)'
;EDPHLRNRPGKGHNYIDGMTQEDATCKPVTYAGACSSFDVLLEKGKFPLFQSYAHHRTLLEAVHDTIIAKADPPSCDLQS
AHGNPCMKEKLVMKTHCPNDYQSAHYLNNDGKMASVKCPPKYELTEDCNFCRQMTGASLKKGSYPLQDLFCQSSEDDGSK
LKTKMKGVCEVGVQALKKCDGQLSTAHEVVPFAVFKNSKKVYLDKLDLKTEENLLPDSFVCFEHKGQYKGTMDSGQTKRE
LKSFDISQCPKIGGHGSKKCTGDAAFCSAYECTAQYANAYCSHANGSGIVQIQVSGVWKKPLCVGYERVVVKRELSGTKH
HHHHH
;
A
#
# COMPACT_ATOMS: atom_id res chain seq x y z
N GLN A 1 15.88 6.82 2.83
CA GLN A 1 14.70 7.68 2.72
C GLN A 1 13.87 7.30 1.50
N VAL A 2 12.68 6.79 1.75
CA VAL A 2 11.80 6.34 0.67
C VAL A 2 11.16 7.55 0.00
N HIS A 3 11.24 7.61 -1.32
CA HIS A 3 10.61 8.66 -2.11
C HIS A 3 9.85 8.03 -3.26
N LEU A 4 8.62 8.50 -3.47
CA LEU A 4 7.77 8.04 -4.57
C LEU A 4 7.46 9.23 -5.45
N VAL A 5 8.07 9.28 -6.63
CA VAL A 5 7.94 10.41 -7.55
C VAL A 5 7.08 9.94 -8.72
N GLU A 6 5.97 10.64 -8.95
CA GLU A 6 5.06 10.27 -10.02
C GLU A 6 5.08 11.32 -11.13
N SER A 7 4.76 10.86 -12.33
CA SER A 7 4.72 11.71 -13.51
C SER A 7 3.79 11.06 -14.53
N GLY A 8 3.69 11.68 -15.71
CA GLY A 8 2.74 11.25 -16.71
C GLY A 8 1.35 11.80 -16.55
N GLY A 9 1.03 12.39 -15.40
CA GLY A 9 -0.26 13.01 -15.20
C GLY A 9 -0.39 14.25 -16.05
N GLY A 10 -1.36 14.27 -16.95
CA GLY A 10 -1.57 15.43 -17.81
C GLY A 10 -3.03 15.67 -18.09
N VAL A 11 -3.30 16.54 -19.07
CA VAL A 11 -4.66 16.86 -19.48
C VAL A 11 -4.95 16.14 -20.79
N VAL A 12 -5.94 15.26 -20.77
CA VAL A 12 -6.31 14.47 -21.95
C VAL A 12 -7.82 14.46 -22.09
N GLN A 13 -8.28 14.12 -23.29
CA GLN A 13 -9.68 14.08 -23.64
C GLN A 13 -10.23 12.66 -23.44
N PRO A 14 -11.54 12.53 -23.24
CA PRO A 14 -12.12 11.20 -23.03
C PRO A 14 -11.97 10.31 -24.26
N GLY A 15 -11.80 9.01 -24.01
CA GLY A 15 -11.60 8.04 -25.05
C GLY A 15 -10.14 7.73 -25.33
N LYS A 16 -9.25 8.69 -25.13
CA LYS A 16 -7.83 8.50 -25.37
C LYS A 16 -7.16 7.95 -24.11
N SER A 17 -5.84 7.86 -24.12
CA SER A 17 -5.11 7.11 -23.11
C SER A 17 -4.15 8.02 -22.35
N LEU A 18 -3.58 7.46 -21.27
CA LEU A 18 -2.50 8.09 -20.55
C LEU A 18 -1.65 6.99 -19.92
N ARG A 19 -0.47 7.36 -19.44
CA ARG A 19 0.42 6.41 -18.78
C ARG A 19 1.05 7.10 -17.57
N LEU A 20 0.68 6.64 -16.38
CA LEU A 20 1.21 7.18 -15.14
C LEU A 20 2.48 6.42 -14.79
N SER A 21 3.53 7.15 -14.41
CA SER A 21 4.81 6.57 -14.04
C SER A 21 5.08 6.86 -12.58
N CYS A 22 5.51 5.85 -11.84
CA CYS A 22 5.87 6.00 -10.44
C CYS A 22 7.26 5.43 -10.23
N ALA A 23 8.24 6.33 -10.06
CA ALA A 23 9.60 5.94 -9.70
C ALA A 23 9.71 5.88 -8.18
N ALA A 24 10.49 4.93 -7.70
CA ALA A 24 10.59 4.64 -6.28
C ALA A 24 12.05 4.59 -5.87
N SER A 25 12.35 5.16 -4.70
CA SER A 25 13.72 5.15 -4.17
C SER A 25 13.67 4.96 -2.66
N GLY A 26 14.80 4.57 -2.11
CA GLY A 26 14.94 4.40 -0.67
C GLY A 26 14.56 3.04 -0.14
N PHE A 27 14.37 2.04 -1.00
CA PHE A 27 14.00 0.70 -0.57
C PHE A 27 14.26 -0.27 -1.73
N ILE A 28 13.89 -1.53 -1.51
CA ILE A 28 14.09 -2.59 -2.49
C ILE A 28 12.80 -2.74 -3.28
N PHE A 29 12.88 -2.54 -4.59
CA PHE A 29 11.71 -2.63 -5.44
C PHE A 29 11.11 -4.04 -5.45
N ASN A 30 11.93 -5.06 -5.19
CA ASN A 30 11.48 -6.44 -5.29
C ASN A 30 10.67 -6.89 -4.07
N HIS A 31 10.76 -6.18 -2.96
CA HIS A 31 10.20 -6.65 -1.70
C HIS A 31 8.88 -5.99 -1.33
N PHE A 32 8.30 -5.20 -2.23
CA PHE A 32 7.10 -4.45 -1.89
C PHE A 32 6.19 -4.36 -3.10
N GLY A 33 4.89 -4.47 -2.86
CA GLY A 33 3.91 -4.20 -3.88
C GLY A 33 3.59 -2.72 -3.99
N ILE A 34 3.09 -2.32 -5.15
CA ILE A 34 2.80 -0.91 -5.44
C ILE A 34 1.34 -0.78 -5.83
N HIS A 35 0.63 0.13 -5.17
CA HIS A 35 -0.78 0.38 -5.41
C HIS A 35 -0.96 1.74 -6.08
N TRP A 36 -2.10 1.88 -6.74
CA TRP A 36 -2.56 3.15 -7.30
C TRP A 36 -3.91 3.46 -6.70
N VAL A 37 -3.99 4.57 -5.96
CA VAL A 37 -5.21 5.03 -5.31
C VAL A 37 -5.51 6.43 -5.82
N ARG A 38 -6.64 6.60 -6.47
CA ARG A 38 -7.02 7.91 -6.98
C ARG A 38 -8.03 8.55 -6.05
N GLN A 39 -7.97 9.88 -5.97
CA GLN A 39 -8.94 10.67 -5.24
C GLN A 39 -9.56 11.67 -6.21
N SER A 40 -10.88 11.57 -6.39
CA SER A 40 -11.59 12.50 -7.25
C SER A 40 -11.56 13.89 -6.63
N PRO A 41 -11.86 14.94 -7.42
CA PRO A 41 -11.86 16.31 -6.87
C PRO A 41 -12.74 16.45 -5.62
N GLY A 42 -12.08 16.55 -4.47
CA GLY A 42 -12.79 16.76 -3.21
C GLY A 42 -13.61 15.59 -2.73
N LYS A 43 -13.49 14.42 -3.33
CA LYS A 43 -14.23 13.24 -2.90
C LYS A 43 -13.31 12.34 -2.07
N GLY A 44 -13.76 11.10 -1.83
CA GLY A 44 -13.01 10.19 -1.00
C GLY A 44 -11.93 9.45 -1.76
N LEU A 45 -11.05 8.81 -0.99
CA LEU A 45 -10.01 7.98 -1.58
C LEU A 45 -10.62 6.75 -2.23
N GLU A 46 -9.94 6.24 -3.25
CA GLU A 46 -10.43 5.07 -3.97
C GLU A 46 -9.22 4.28 -4.48
N TRP A 47 -9.07 3.06 -3.97
CA TRP A 47 -8.05 2.16 -4.49
C TRP A 47 -8.39 1.77 -5.92
N VAL A 48 -7.41 1.86 -6.81
CA VAL A 48 -7.61 1.60 -8.22
C VAL A 48 -6.87 0.35 -8.69
N ALA A 49 -5.62 0.19 -8.28
CA ALA A 49 -4.83 -0.93 -8.78
C ALA A 49 -3.79 -1.36 -7.75
N VAL A 50 -3.29 -2.58 -7.94
CA VAL A 50 -2.13 -3.07 -7.18
C VAL A 50 -1.35 -4.04 -8.06
N ILE A 51 -0.04 -3.89 -8.04
CA ILE A 51 0.88 -4.84 -8.66
C ILE A 51 1.76 -5.41 -7.56
N TRP A 52 1.96 -6.72 -7.58
CA TRP A 52 2.63 -7.42 -6.50
C TRP A 52 4.12 -7.09 -6.47
N TYR A 53 4.79 -7.57 -5.43
CA TYR A 53 6.23 -7.36 -5.31
C TYR A 53 6.99 -7.94 -6.50
N ASP A 54 6.45 -8.99 -7.11
CA ASP A 54 7.06 -9.63 -8.27
C ASP A 54 6.24 -9.52 -9.53
N GLY A 55 5.04 -8.94 -9.46
CA GLY A 55 4.21 -8.79 -10.64
C GLY A 55 3.42 -10.00 -11.05
N SER A 56 3.43 -11.07 -10.25
CA SER A 56 2.62 -12.24 -10.57
C SER A 56 1.14 -11.97 -10.37
N LYS A 57 0.80 -11.22 -9.32
CA LYS A 57 -0.57 -10.80 -9.06
C LYS A 57 -0.73 -9.32 -9.42
N LYS A 58 -1.73 -9.03 -10.26
CA LYS A 58 -2.09 -7.65 -10.59
C LYS A 58 -3.60 -7.53 -10.46
N TYR A 59 -4.06 -6.77 -9.49
CA TYR A 59 -5.49 -6.59 -9.23
C TYR A 59 -5.92 -5.19 -9.59
N PHE A 60 -7.12 -5.07 -10.16
CA PHE A 60 -7.67 -3.80 -10.60
C PHE A 60 -9.00 -3.53 -9.90
N ALA A 61 -9.39 -2.26 -9.89
CA ALA A 61 -10.71 -1.87 -9.43
C ALA A 61 -11.74 -2.14 -10.52
N ASP A 62 -12.97 -2.45 -10.10
CA ASP A 62 -14.00 -2.86 -11.05
C ASP A 62 -14.43 -1.72 -11.97
N SER A 63 -14.23 -0.47 -11.57
CA SER A 63 -14.57 0.64 -12.44
C SER A 63 -13.61 0.77 -13.62
N VAL A 64 -12.42 0.20 -13.50
CA VAL A 64 -11.42 0.25 -14.57
C VAL A 64 -10.97 -1.16 -14.90
N LYS A 65 -11.85 -2.13 -14.69
CA LYS A 65 -11.55 -3.53 -14.96
C LYS A 65 -11.48 -3.74 -16.47
N GLY A 66 -10.26 -4.02 -16.97
CA GLY A 66 -10.07 -4.25 -18.38
C GLY A 66 -9.53 -3.04 -19.12
N ARG A 67 -10.01 -1.85 -18.77
CA ARG A 67 -9.54 -0.62 -19.41
C ARG A 67 -8.16 -0.20 -18.92
N PHE A 68 -7.76 -0.63 -17.73
CA PHE A 68 -6.49 -0.26 -17.14
C PHE A 68 -5.56 -1.46 -17.08
N SER A 69 -4.27 -1.22 -17.27
CA SER A 69 -3.25 -2.24 -17.12
C SER A 69 -2.11 -1.68 -16.28
N ILE A 70 -1.32 -2.58 -15.70
CA ILE A 70 -0.21 -2.19 -14.84
C ILE A 70 1.01 -3.04 -15.18
N SER A 71 2.19 -2.47 -14.92
CA SER A 71 3.44 -3.18 -15.13
C SER A 71 4.51 -2.54 -14.26
N ARG A 72 5.63 -3.22 -14.12
CA ARG A 72 6.74 -2.68 -13.32
C ARG A 72 8.06 -3.14 -13.92
N ASP A 73 9.10 -2.37 -13.63
CA ASP A 73 10.45 -2.63 -14.11
C ASP A 73 11.42 -2.48 -12.95
N ASN A 74 12.19 -3.54 -12.68
CA ASN A 74 13.21 -3.53 -11.64
C ASN A 74 14.44 -2.76 -12.06
N SER A 75 14.81 -2.81 -13.35
CA SER A 75 15.97 -2.08 -13.83
C SER A 75 15.78 -0.58 -13.69
N GLN A 76 14.54 -0.11 -13.70
CA GLN A 76 14.24 1.31 -13.58
C GLN A 76 13.60 1.67 -12.24
N ASN A 77 13.26 0.68 -11.41
CA ASN A 77 12.52 0.90 -10.16
C ASN A 77 11.25 1.72 -10.44
N THR A 78 10.48 1.26 -11.42
CA THR A 78 9.37 2.06 -11.93
C THR A 78 8.12 1.21 -12.07
N VAL A 79 6.96 1.83 -11.86
CA VAL A 79 5.67 1.21 -12.10
C VAL A 79 4.93 2.05 -13.14
N TYR A 80 4.43 1.40 -14.17
CA TYR A 80 3.62 2.04 -15.21
C TYR A 80 2.16 1.62 -15.03
N LEU A 81 1.27 2.61 -15.09
CA LEU A 81 -0.17 2.41 -15.05
C LEU A 81 -0.74 2.95 -16.35
N GLN A 82 -1.10 2.05 -17.27
CA GLN A 82 -1.63 2.44 -18.57
C GLN A 82 -3.15 2.52 -18.48
N MET A 83 -3.70 3.65 -18.92
CA MET A 83 -5.13 3.94 -18.82
C MET A 83 -5.65 4.18 -20.24
N ASN A 84 -6.31 3.16 -20.80
CA ASN A 84 -6.94 3.26 -22.10
C ASN A 84 -8.44 3.50 -21.93
N SER A 85 -9.02 4.20 -22.89
CA SER A 85 -10.44 4.56 -22.87
C SER A 85 -10.81 5.26 -21.57
N LEU A 86 -10.14 6.39 -21.32
CA LEU A 86 -10.38 7.15 -20.10
C LEU A 86 -11.75 7.80 -20.15
N ARG A 87 -12.42 7.85 -19.00
CA ARG A 87 -13.72 8.48 -18.87
C ARG A 87 -13.60 9.74 -18.02
N THR A 88 -14.65 10.57 -18.07
CA THR A 88 -14.61 11.85 -17.37
C THR A 88 -14.46 11.67 -15.86
N GLU A 89 -15.16 10.69 -15.29
CA GLU A 89 -15.10 10.47 -13.85
C GLU A 89 -13.72 9.99 -13.40
N ASP A 90 -12.89 9.51 -14.32
CA ASP A 90 -11.53 9.11 -13.97
C ASP A 90 -10.66 10.30 -13.58
N THR A 91 -11.11 11.52 -13.85
CA THR A 91 -10.37 12.73 -13.46
C THR A 91 -10.12 12.71 -11.96
N ALA A 92 -8.85 12.67 -11.58
CA ALA A 92 -8.53 12.52 -10.16
C ALA A 92 -7.05 12.81 -9.95
N VAL A 93 -6.67 12.92 -8.67
CA VAL A 93 -5.27 12.94 -8.26
C VAL A 93 -4.90 11.50 -7.92
N TYR A 94 -4.00 10.90 -8.69
CA TYR A 94 -3.61 9.52 -8.52
C TYR A 94 -2.34 9.46 -7.69
N TYR A 95 -2.33 8.59 -6.68
CA TYR A 95 -1.17 8.40 -5.81
C TYR A 95 -0.69 6.96 -5.94
N CYS A 96 0.58 6.78 -6.31
CA CYS A 96 1.20 5.48 -6.17
C CYS A 96 1.72 5.34 -4.74
N ALA A 97 1.52 4.17 -4.17
CA ALA A 97 1.79 3.94 -2.75
C ALA A 97 2.38 2.56 -2.55
N ARG A 98 3.47 2.50 -1.77
CA ARG A 98 4.03 1.23 -1.38
C ARG A 98 3.10 0.52 -0.39
N GLU A 99 3.11 -0.82 -0.46
CA GLU A 99 2.41 -1.64 0.51
C GLU A 99 3.44 -2.44 1.29
N ARG A 100 3.30 -2.43 2.63
CA ARG A 100 4.31 -3.04 3.49
C ARG A 100 4.43 -4.55 3.22
N TRP A 101 3.35 -5.28 3.45
CA TRP A 101 3.37 -6.73 3.33
C TRP A 101 2.74 -7.17 2.02
N SER A 102 3.20 -8.33 1.52
CA SER A 102 2.71 -8.84 0.25
C SER A 102 1.28 -9.34 0.36
N GLY A 103 0.33 -8.42 0.46
CA GLY A 103 -1.07 -8.77 0.49
C GLY A 103 -1.77 -8.44 1.80
N HIS A 104 -3.00 -7.94 1.71
CA HIS A 104 -3.87 -7.74 2.86
C HIS A 104 -3.18 -6.92 3.95
N SER A 105 -2.50 -5.86 3.52
CA SER A 105 -1.69 -5.04 4.40
C SER A 105 -2.06 -3.57 4.23
N TYR A 106 -1.31 -2.71 4.90
CA TYR A 106 -1.50 -1.27 4.90
C TYR A 106 -0.50 -0.59 3.96
N LEU A 107 -0.86 0.61 3.52
CA LEU A 107 -0.02 1.40 2.61
C LEU A 107 0.81 2.37 3.44
N ASP A 108 2.12 2.17 3.43
CA ASP A 108 3.01 2.90 4.33
C ASP A 108 3.64 4.15 3.73
N TYR A 109 3.71 4.26 2.41
CA TYR A 109 4.36 5.40 1.76
C TYR A 109 3.57 5.80 0.52
N TRP A 110 3.29 7.09 0.38
CA TRP A 110 2.47 7.61 -0.70
C TRP A 110 3.26 8.61 -1.54
N GLY A 111 2.81 8.78 -2.79
CA GLY A 111 3.45 9.71 -3.70
C GLY A 111 2.78 11.08 -3.71
N HIS A 112 3.46 12.04 -4.31
CA HIS A 112 3.00 13.43 -4.30
C HIS A 112 1.63 13.56 -4.95
N GLY A 113 1.36 12.78 -5.99
CA GLY A 113 0.08 12.86 -6.67
C GLY A 113 0.19 13.40 -8.08
N ALA A 114 -0.30 12.63 -9.04
CA ALA A 114 -0.34 13.03 -10.44
C ALA A 114 -1.76 13.41 -10.80
N LEU A 115 -1.96 14.64 -11.26
CA LEU A 115 -3.28 15.12 -11.63
C LEU A 115 -3.62 14.66 -13.04
N VAL A 116 -4.68 13.87 -13.17
CA VAL A 116 -5.18 13.44 -14.47
C VAL A 116 -6.55 14.07 -14.66
N THR A 117 -6.62 15.06 -15.54
CA THR A 117 -7.87 15.76 -15.86
C THR A 117 -8.40 15.18 -17.16
N VAL A 118 -9.50 14.42 -17.08
CA VAL A 118 -10.10 13.84 -18.28
C VAL A 118 -11.36 14.63 -18.61
N SER A 119 -11.18 15.85 -19.10
CA SER A 119 -12.26 16.68 -19.58
C SER A 119 -12.30 16.65 -21.10
N SER A 120 -13.48 16.93 -21.65
CA SER A 120 -13.69 16.93 -23.09
C SER A 120 -13.45 18.30 -23.71
N ALA A 121 -12.95 19.27 -22.95
CA ALA A 121 -12.70 20.60 -23.46
C ALA A 121 -11.44 20.62 -24.32
N SER A 122 -11.22 21.75 -24.99
CA SER A 122 -10.09 21.93 -25.89
C SER A 122 -9.08 22.89 -25.27
N THR A 123 -7.81 22.68 -25.62
CA THR A 123 -6.71 23.51 -25.12
C THR A 123 -6.82 24.90 -25.73
N LYS A 124 -7.45 25.82 -25.00
CA LYS A 124 -7.70 27.16 -25.50
C LYS A 124 -7.19 28.20 -24.52
N GLY A 125 -6.67 29.31 -25.04
CA GLY A 125 -6.14 30.38 -24.23
C GLY A 125 -7.23 31.24 -23.63
N PRO A 126 -6.84 32.11 -22.72
CA PRO A 126 -7.79 32.95 -22.00
C PRO A 126 -8.16 34.21 -22.79
N SER A 127 -9.03 35.00 -22.19
CA SER A 127 -9.36 36.34 -22.67
C SER A 127 -9.32 37.29 -21.48
N VAL A 128 -8.54 38.35 -21.60
CA VAL A 128 -8.30 39.26 -20.48
C VAL A 128 -9.16 40.50 -20.63
N PHE A 129 -9.71 40.97 -19.50
CA PHE A 129 -10.53 42.18 -19.48
C PHE A 129 -10.13 43.04 -18.28
N PRO A 130 -10.17 44.36 -18.42
CA PRO A 130 -9.80 45.23 -17.29
C PRO A 130 -10.97 45.53 -16.37
N LEU A 131 -10.87 45.14 -15.10
CA LEU A 131 -11.89 45.46 -14.10
C LEU A 131 -11.43 46.71 -13.37
N ALA A 132 -11.99 47.85 -13.77
CA ALA A 132 -11.67 49.22 -13.36
C ALA A 132 -12.47 49.62 -12.12
N PRO A 133 -11.86 50.38 -11.22
CA PRO A 133 -12.59 50.85 -10.04
C PRO A 133 -13.38 52.12 -10.32
N SER A 134 -14.58 52.17 -9.75
CA SER A 134 -15.48 53.31 -9.92
C SER A 134 -15.90 53.81 -8.54
N SER A 135 -16.65 54.91 -8.54
CA SER A 135 -17.10 55.54 -7.31
C SER A 135 -18.02 54.62 -6.50
N SER A 139 -14.09 52.17 2.25
CA SER A 139 -12.83 51.66 1.73
C SER A 139 -11.65 52.50 2.23
N GLY A 140 -11.97 53.58 2.94
CA GLY A 140 -10.91 54.46 3.42
C GLY A 140 -10.24 55.18 2.27
N GLY A 141 -8.91 55.19 2.31
CA GLY A 141 -8.13 55.81 1.24
C GLY A 141 -7.49 54.79 0.33
N THR A 142 -8.17 53.67 0.10
CA THR A 142 -7.64 52.58 -0.71
C THR A 142 -8.74 52.05 -1.62
N ALA A 143 -8.43 51.93 -2.90
CA ALA A 143 -9.34 51.38 -3.89
C ALA A 143 -8.83 50.01 -4.34
N ALA A 144 -9.60 49.36 -5.22
CA ALA A 144 -9.26 48.03 -5.70
C ALA A 144 -9.60 47.91 -7.18
N LEU A 145 -8.68 47.34 -7.95
CA LEU A 145 -8.86 47.15 -9.39
C LEU A 145 -8.35 45.77 -9.76
N GLY A 146 -8.30 45.48 -11.05
CA GLY A 146 -7.68 44.22 -11.43
C GLY A 146 -8.07 43.81 -12.85
N CYS A 147 -8.00 42.51 -13.10
CA CYS A 147 -8.32 41.99 -14.42
C CYS A 147 -9.00 40.63 -14.32
N LEU A 148 -9.92 40.39 -15.25
CA LEU A 148 -10.70 39.16 -15.32
C LEU A 148 -10.18 38.30 -16.47
N VAL A 149 -9.99 37.01 -16.21
CA VAL A 149 -9.51 36.04 -17.18
C VAL A 149 -10.64 35.07 -17.49
N LYS A 150 -10.97 34.93 -18.77
CA LYS A 150 -12.21 34.27 -19.18
C LYS A 150 -11.94 33.17 -20.19
N ASP A 151 -12.57 32.02 -19.97
CA ASP A 151 -12.71 30.95 -20.96
C ASP A 151 -11.35 30.38 -21.38
N TYR A 152 -10.67 29.76 -20.42
CA TYR A 152 -9.43 29.06 -20.72
C TYR A 152 -9.52 27.61 -20.28
N PHE A 153 -8.76 26.76 -20.96
CA PHE A 153 -8.64 25.34 -20.63
C PHE A 153 -7.30 24.83 -21.13
N PRO A 154 -6.55 24.08 -20.31
CA PRO A 154 -6.83 23.71 -18.93
C PRO A 154 -6.02 24.54 -17.94
N GLU A 155 -6.15 24.24 -16.64
CA GLU A 155 -5.28 24.83 -15.65
C GLU A 155 -3.84 24.35 -15.89
N PRO A 156 -2.84 25.11 -15.44
CA PRO A 156 -2.90 26.37 -14.71
C PRO A 156 -2.73 27.62 -15.58
N VAL A 157 -3.33 28.72 -15.17
CA VAL A 157 -3.08 30.04 -15.74
C VAL A 157 -2.49 30.92 -14.65
N THR A 158 -1.34 31.53 -14.94
CA THR A 158 -0.64 32.36 -13.98
C THR A 158 -0.81 33.82 -14.37
N VAL A 159 -1.37 34.62 -13.46
CA VAL A 159 -1.64 36.03 -13.69
C VAL A 159 -0.78 36.83 -12.73
N SER A 160 0.35 37.33 -13.21
CA SER A 160 1.20 38.21 -12.44
C SER A 160 0.82 39.67 -12.72
N TRP A 161 1.51 40.60 -12.08
CA TRP A 161 1.15 42.02 -12.16
C TRP A 161 2.41 42.83 -12.47
N ASN A 162 2.45 43.41 -13.67
CA ASN A 162 3.60 44.20 -14.14
C ASN A 162 4.90 43.43 -13.96
N SER A 163 5.01 42.31 -14.68
CA SER A 163 6.12 41.37 -14.52
C SER A 163 6.24 40.90 -13.07
N GLY A 164 5.10 40.70 -12.41
CA GLY A 164 5.07 40.28 -11.03
C GLY A 164 5.62 41.29 -10.05
N ALA A 165 5.84 42.54 -10.47
CA ALA A 165 6.41 43.56 -9.59
C ALA A 165 5.39 44.18 -8.63
N LEU A 166 4.13 43.77 -8.71
CA LEU A 166 3.08 44.31 -7.85
C LEU A 166 2.45 43.24 -6.97
N THR A 167 3.14 42.11 -6.78
CA THR A 167 2.55 40.97 -6.07
C THR A 167 2.01 41.35 -4.70
N SER A 168 2.53 42.42 -4.09
CA SER A 168 2.03 42.88 -2.80
C SER A 168 0.57 43.30 -2.91
N GLY A 169 -0.26 42.81 -2.00
CA GLY A 169 -1.67 43.15 -2.02
C GLY A 169 -2.40 42.68 -3.25
N VAL A 170 -1.93 41.59 -3.87
CA VAL A 170 -2.57 41.02 -5.05
C VAL A 170 -3.06 39.63 -4.71
N HIS A 171 -4.34 39.37 -4.98
CA HIS A 171 -4.90 38.04 -4.79
C HIS A 171 -5.53 37.57 -6.09
N THR A 172 -5.16 36.38 -6.53
CA THR A 172 -5.75 35.73 -7.68
C THR A 172 -6.76 34.70 -7.19
N PHE A 173 -8.00 34.91 -7.50
CA PHE A 173 -9.06 34.06 -6.94
C PHE A 173 -9.26 32.82 -7.82
N PRO A 174 -9.59 31.70 -7.18
CA PRO A 174 -9.69 30.43 -7.92
C PRO A 174 -10.67 30.52 -9.08
N ALA A 175 -10.28 29.92 -10.20
CA ALA A 175 -11.13 29.91 -11.38
C ALA A 175 -12.39 29.08 -11.13
N VAL A 176 -13.38 29.26 -11.99
CA VAL A 176 -14.63 28.51 -11.93
C VAL A 176 -14.81 27.76 -13.25
N LEU A 177 -15.29 26.53 -13.15
CA LEU A 177 -15.56 25.69 -14.32
C LEU A 177 -17.05 25.77 -14.61
N GLN A 178 -17.41 26.56 -15.62
CA GLN A 178 -18.80 26.72 -16.00
C GLN A 178 -19.33 25.40 -16.59
N SER A 179 -20.60 25.43 -17.00
CA SER A 179 -21.16 24.31 -17.74
C SER A 179 -20.49 24.14 -19.10
N SER A 180 -19.67 25.10 -19.52
CA SER A 180 -18.86 24.99 -20.73
C SER A 180 -17.56 24.23 -20.50
N GLY A 181 -17.21 23.92 -19.25
CA GLY A 181 -15.97 23.23 -18.94
C GLY A 181 -14.74 24.10 -18.95
N LEU A 182 -14.88 25.41 -19.18
CA LEU A 182 -13.75 26.32 -19.24
C LEU A 182 -13.56 27.01 -17.89
N TYR A 183 -12.32 27.37 -17.61
CA TYR A 183 -11.97 28.05 -16.37
C TYR A 183 -11.96 29.56 -16.58
N SER A 184 -12.32 30.29 -15.52
CA SER A 184 -12.35 31.75 -15.56
C SER A 184 -12.04 32.27 -14.17
N LEU A 185 -10.95 33.04 -14.06
CA LEU A 185 -10.47 33.53 -12.78
C LEU A 185 -10.47 35.07 -12.77
N SER A 186 -10.07 35.63 -11.63
CA SER A 186 -9.91 37.06 -11.48
C SER A 186 -8.64 37.34 -10.69
N SER A 187 -8.05 38.51 -10.94
CA SER A 187 -6.86 38.96 -10.23
C SER A 187 -7.16 40.37 -9.71
N VAL A 188 -7.22 40.51 -8.39
CA VAL A 188 -7.61 41.75 -7.73
C VAL A 188 -6.39 42.31 -7.00
N VAL A 189 -6.27 43.64 -7.02
CA VAL A 189 -5.17 44.35 -6.36
C VAL A 189 -5.74 45.59 -5.68
N THR A 190 -5.39 45.76 -4.40
CA THR A 190 -5.76 46.95 -3.64
C THR A 190 -4.59 47.94 -3.65
N VAL A 191 -4.91 49.21 -3.85
CA VAL A 191 -3.90 50.25 -4.01
C VAL A 191 -4.39 51.54 -3.36
N PRO A 192 -3.54 52.27 -2.65
CA PRO A 192 -3.98 53.53 -2.03
C PRO A 192 -4.58 54.49 -3.05
N SER A 193 -5.70 55.12 -2.64
CA SER A 193 -6.44 56.00 -3.54
C SER A 193 -5.61 57.20 -3.98
N SER A 194 -4.61 57.59 -3.20
CA SER A 194 -3.72 58.68 -3.59
C SER A 194 -2.72 58.29 -4.66
N SER A 195 -2.75 57.04 -5.13
CA SER A 195 -1.80 56.55 -6.12
C SER A 195 -2.48 55.99 -7.37
N LEU A 196 -3.80 56.10 -7.47
CA LEU A 196 -4.50 55.55 -8.64
C LEU A 196 -4.27 56.36 -9.91
N GLY A 197 -3.71 57.56 -9.80
CA GLY A 197 -3.58 58.43 -10.96
C GLY A 197 -2.27 58.30 -11.72
N THR A 198 -1.15 58.40 -11.00
CA THR A 198 0.16 58.43 -11.66
C THR A 198 0.51 57.06 -12.24
N GLN A 199 0.42 56.01 -11.44
CA GLN A 199 0.89 54.69 -11.84
C GLN A 199 -0.22 53.90 -12.52
N THR A 200 0.13 53.26 -13.63
CA THR A 200 -0.76 52.33 -14.31
C THR A 200 -0.50 50.90 -13.85
N TYR A 201 -1.40 50.00 -14.22
CA TYR A 201 -1.38 48.63 -13.73
C TYR A 201 -1.73 47.69 -14.87
N ILE A 202 -0.77 46.89 -15.32
CA ILE A 202 -0.93 45.98 -16.45
C ILE A 202 -0.64 44.58 -15.94
N CYS A 203 -1.65 43.72 -15.93
CA CYS A 203 -1.47 42.35 -15.47
C CYS A 203 -1.10 41.44 -16.63
N ASN A 204 -0.21 40.48 -16.34
CA ASN A 204 0.35 39.57 -17.33
C ASN A 204 -0.25 38.19 -17.10
N VAL A 205 -1.07 37.75 -18.04
CA VAL A 205 -1.73 36.44 -17.99
C VAL A 205 -0.96 35.49 -18.88
N ASN A 206 -0.64 34.30 -18.36
CA ASN A 206 0.09 33.29 -19.10
C ASN A 206 -0.61 31.95 -18.96
N HIS A 207 -0.84 31.29 -20.10
CA HIS A 207 -1.46 29.99 -20.17
C HIS A 207 -0.51 29.08 -20.96
N LYS A 208 0.05 28.07 -20.28
CA LYS A 208 1.12 27.28 -20.89
C LYS A 208 0.61 26.31 -21.94
N PRO A 209 -0.38 25.45 -21.68
CA PRO A 209 -0.78 24.47 -22.70
C PRO A 209 -1.28 25.12 -23.98
N SER A 210 -1.90 26.29 -23.90
CA SER A 210 -2.36 27.00 -25.09
C SER A 210 -1.32 27.97 -25.63
N ASN A 211 -0.20 28.16 -24.93
CA ASN A 211 0.88 29.04 -25.36
C ASN A 211 0.37 30.46 -25.58
N THR A 212 -0.27 31.03 -24.56
CA THR A 212 -0.92 32.33 -24.69
C THR A 212 -0.47 33.24 -23.56
N LYS A 213 0.26 34.31 -23.91
CA LYS A 213 0.71 35.31 -22.95
C LYS A 213 0.22 36.68 -23.39
N VAL A 214 -0.35 37.43 -22.46
CA VAL A 214 -0.94 38.74 -22.76
C VAL A 214 -0.69 39.68 -21.59
N ASP A 215 -0.28 40.91 -21.90
CA ASP A 215 -0.10 41.96 -20.90
C ASP A 215 -1.19 43.01 -21.12
N LYS A 216 -2.19 43.02 -20.24
CA LYS A 216 -3.37 43.86 -20.41
C LYS A 216 -3.40 44.99 -19.41
N LYS A 217 -3.86 46.16 -19.86
CA LYS A 217 -3.95 47.36 -19.05
C LYS A 217 -5.32 47.45 -18.37
N VAL A 218 -5.40 48.27 -17.33
CA VAL A 218 -6.63 48.48 -16.57
C VAL A 218 -6.95 49.97 -16.59
N GLU A 219 -8.01 50.34 -17.29
CA GLU A 219 -8.43 51.73 -17.47
C GLU A 219 -7.29 52.62 -17.94
N SER B 1 -21.16 -6.31 0.14
CA SER B 1 -19.86 -6.86 0.53
C SER B 1 -19.32 -6.15 1.77
N ASN B 2 -18.01 -6.25 1.99
CA ASN B 2 -17.38 -5.63 3.14
C ASN B 2 -17.35 -4.12 2.95
N VAL B 3 -18.02 -3.39 3.85
CA VAL B 3 -18.15 -1.94 3.76
C VAL B 3 -17.75 -1.33 5.09
N LEU B 4 -16.99 -0.25 5.04
CA LEU B 4 -16.55 0.47 6.23
C LEU B 4 -17.32 1.77 6.35
N THR B 5 -17.88 2.02 7.54
CA THR B 5 -18.73 3.17 7.79
C THR B 5 -18.10 4.06 8.85
N GLN B 6 -17.85 5.30 8.50
CA GLN B 6 -17.35 6.32 9.41
C GLN B 6 -18.37 7.44 9.57
N PRO B 7 -18.26 8.25 10.62
CA PRO B 7 -19.08 9.46 10.69
C PRO B 7 -18.75 10.40 9.54
N PRO B 8 -19.74 11.11 9.02
CA PRO B 8 -19.45 12.05 7.92
C PRO B 8 -18.54 13.18 8.35
N SER B 9 -18.74 13.74 9.54
CA SER B 9 -17.90 14.81 10.03
C SER B 9 -17.94 14.82 11.55
N VAL B 10 -16.82 15.20 12.15
CA VAL B 10 -16.69 15.34 13.60
C VAL B 10 -15.91 16.62 13.88
N SER B 11 -16.36 17.36 14.89
CA SER B 11 -15.68 18.58 15.31
C SER B 11 -15.38 18.50 16.80
N VAL B 12 -14.26 19.12 17.19
CA VAL B 12 -13.78 19.05 18.57
C VAL B 12 -13.02 20.32 18.89
N ALA B 13 -13.08 20.71 20.16
CA ALA B 13 -12.31 21.85 20.65
C ALA B 13 -10.84 21.46 20.83
N PRO B 14 -9.94 22.44 20.74
CA PRO B 14 -8.51 22.14 20.94
C PRO B 14 -8.25 21.60 22.34
N GLY B 15 -7.21 20.76 22.44
CA GLY B 15 -6.82 20.19 23.72
C GLY B 15 -7.63 18.97 24.11
N GLN B 16 -8.91 18.98 23.77
CA GLN B 16 -9.79 17.87 24.13
C GLN B 16 -9.68 16.73 23.13
N THR B 17 -9.70 15.51 23.64
CA THR B 17 -9.60 14.34 22.78
C THR B 17 -10.81 14.23 21.86
N ALA B 18 -10.57 13.71 20.66
CA ALA B 18 -11.62 13.46 19.69
C ALA B 18 -11.54 12.00 19.24
N ARG B 19 -12.70 11.41 18.98
CA ARG B 19 -12.81 9.99 18.67
C ARG B 19 -13.57 9.80 17.37
N ILE B 20 -12.97 9.02 16.47
CA ILE B 20 -13.56 8.72 15.17
C ILE B 20 -13.82 7.22 15.09
N SER B 21 -15.02 6.85 14.64
CA SER B 21 -15.43 5.45 14.59
C SER B 21 -15.38 4.92 13.16
N CYS B 22 -15.30 3.59 13.07
CA CYS B 22 -15.28 2.88 11.79
C CYS B 22 -16.00 1.56 12.00
N GLY B 23 -17.07 1.33 11.24
CA GLY B 23 -17.94 0.19 11.46
C GLY B 23 -17.90 -0.83 10.34
N GLY B 24 -18.38 -2.04 10.63
CA GLY B 24 -18.39 -3.10 9.64
C GLY B 24 -18.39 -4.45 10.30
N ASN B 25 -18.60 -5.48 9.47
CA ASN B 25 -18.65 -6.85 9.96
C ASN B 25 -17.26 -7.32 10.39
N ASN B 26 -17.23 -8.12 11.45
CA ASN B 26 -16.02 -8.84 11.88
C ASN B 26 -14.81 -7.92 12.02
N LEU B 27 -15.03 -6.65 12.39
CA LEU B 27 -13.90 -5.76 12.59
C LEU B 27 -12.98 -6.26 13.70
N GLU B 28 -13.54 -7.01 14.66
CA GLU B 28 -12.71 -7.66 15.67
C GLU B 28 -11.63 -8.52 15.02
N SER B 29 -12.04 -9.36 14.06
CA SER B 29 -11.08 -10.23 13.39
C SER B 29 -10.16 -9.44 12.47
N LYS B 30 -10.74 -8.64 11.57
CA LYS B 30 -9.98 -7.99 10.52
C LYS B 30 -9.01 -6.95 11.10
N TYR B 31 -8.04 -6.58 10.28
CA TYR B 31 -7.08 -5.53 10.58
C TYR B 31 -7.56 -4.22 9.97
N VAL B 32 -7.63 -3.17 10.77
CA VAL B 32 -8.13 -1.88 10.35
C VAL B 32 -7.01 -0.85 10.46
N HIS B 33 -6.90 0.02 9.46
CA HIS B 33 -5.85 1.03 9.39
C HIS B 33 -6.48 2.39 9.15
N TRP B 34 -5.71 3.43 9.41
CA TRP B 34 -6.19 4.81 9.35
C TRP B 34 -5.14 5.70 8.70
N TYR B 35 -5.61 6.53 7.76
CA TYR B 35 -4.79 7.49 7.05
C TYR B 35 -5.32 8.90 7.30
N GLN B 36 -4.38 9.85 7.41
CA GLN B 36 -4.66 11.26 7.67
C GLN B 36 -4.23 12.08 6.45
N GLN B 37 -5.21 12.64 5.74
CA GLN B 37 -4.94 13.48 4.58
C GLN B 37 -5.29 14.92 4.89
N LYS B 38 -4.29 15.76 4.91
CA LYS B 38 -4.54 17.18 5.00
C LYS B 38 -4.78 17.75 3.60
N PRO B 39 -5.57 18.82 3.47
CA PRO B 39 -6.01 19.26 2.14
C PRO B 39 -4.84 19.58 1.23
N GLY B 40 -5.00 19.22 -0.05
CA GLY B 40 -3.95 19.45 -1.03
C GLY B 40 -2.69 18.65 -0.81
N GLN B 41 -2.76 17.55 -0.07
CA GLN B 41 -1.59 16.75 0.25
C GLN B 41 -1.92 15.27 0.07
N ALA B 42 -0.89 14.44 0.11
CA ALA B 42 -1.07 13.01 -0.01
C ALA B 42 -1.48 12.41 1.34
N PRO B 43 -2.25 11.33 1.32
CA PRO B 43 -2.64 10.68 2.58
C PRO B 43 -1.42 10.05 3.25
N VAL B 44 -1.27 10.33 4.54
CA VAL B 44 -0.17 9.80 5.35
C VAL B 44 -0.74 8.75 6.29
N LEU B 45 -0.16 7.56 6.27
CA LEU B 45 -0.59 6.50 7.18
C LEU B 45 -0.29 6.90 8.62
N VAL B 46 -1.27 6.72 9.50
CA VAL B 46 -1.11 7.12 10.89
C VAL B 46 -1.50 6.00 11.85
N VAL B 47 -2.19 4.98 11.35
CA VAL B 47 -2.57 3.83 12.18
C VAL B 47 -2.52 2.57 11.33
N TYR B 48 -1.81 1.55 11.80
CA TYR B 48 -1.68 0.30 11.07
C TYR B 48 -1.89 -0.89 11.99
N GLU B 49 -2.58 -1.91 11.48
CA GLU B 49 -2.84 -3.15 12.20
C GLU B 49 -3.52 -2.88 13.53
N ASP B 50 -4.71 -2.27 13.45
CA ASP B 50 -5.46 -1.82 14.60
C ASP B 50 -4.59 -0.89 15.44
N SER B 51 -4.18 -1.32 16.64
CA SER B 51 -3.22 -0.52 17.40
C SER B 51 -1.84 -0.65 16.75
N GLY B 52 -1.29 0.47 16.29
CA GLY B 52 0.00 0.47 15.62
C GLY B 52 0.45 1.86 15.24
N ARG B 53 1.61 2.27 15.74
CA ARG B 53 2.07 3.65 15.61
C ARG B 53 3.17 3.77 14.58
N PRO B 54 2.92 4.35 13.41
CA PRO B 54 3.99 4.56 12.43
C PRO B 54 5.06 5.51 12.97
N SER B 55 6.25 5.41 12.37
CA SER B 55 7.37 6.24 12.78
C SER B 55 7.08 7.70 12.44
N GLY B 56 7.06 8.55 13.47
CA GLY B 56 6.74 9.95 13.30
C GLY B 56 5.33 10.35 13.67
N ILE B 57 4.67 9.60 14.53
CA ILE B 57 3.32 9.90 14.97
C ILE B 57 3.36 10.12 16.48
N PRO B 58 2.92 11.27 16.98
CA PRO B 58 3.05 11.55 18.42
C PRO B 58 2.13 10.67 19.26
N GLU B 59 2.38 10.70 20.58
CA GLU B 59 1.55 9.95 21.51
C GLU B 59 0.10 10.40 21.49
N ARG B 60 -0.17 11.62 21.00
CA ARG B 60 -1.52 12.14 20.99
C ARG B 60 -2.49 11.31 20.17
N PHE B 61 -1.98 10.49 19.24
CA PHE B 61 -2.81 9.70 18.35
C PHE B 61 -2.74 8.24 18.77
N SER B 62 -3.90 7.56 18.72
CA SER B 62 -3.96 6.16 19.10
C SER B 62 -5.09 5.48 18.34
N GLY B 63 -4.89 4.20 18.04
CA GLY B 63 -5.87 3.40 17.32
C GLY B 63 -6.29 2.19 18.13
N SER B 64 -7.52 1.73 17.87
CA SER B 64 -8.04 0.58 18.59
C SER B 64 -9.15 -0.06 17.75
N ASN B 65 -9.50 -1.29 18.12
CA ASN B 65 -10.57 -2.02 17.45
C ASN B 65 -11.15 -2.99 18.46
N SER B 66 -12.36 -2.69 18.95
CA SER B 66 -12.94 -3.48 20.02
C SER B 66 -14.45 -3.61 19.82
N GLY B 67 -14.99 -4.74 20.27
CA GLY B 67 -16.41 -4.99 20.27
C GLY B 67 -17.05 -5.08 18.90
N GLY B 68 -16.25 -4.90 17.84
CA GLY B 68 -16.75 -4.83 16.49
C GLY B 68 -16.72 -3.45 15.88
N THR B 69 -16.00 -2.50 16.48
CA THR B 69 -15.90 -1.14 15.97
C THR B 69 -14.47 -0.66 16.15
N ALA B 70 -13.92 -0.03 15.11
CA ALA B 70 -12.59 0.56 15.19
C ALA B 70 -12.71 2.02 15.59
N THR B 71 -11.68 2.52 16.25
CA THR B 71 -11.72 3.87 16.80
C THR B 71 -10.33 4.50 16.75
N LEU B 72 -10.30 5.80 16.44
CA LEU B 72 -9.09 6.60 16.41
C LEU B 72 -9.26 7.76 17.38
N THR B 73 -8.37 7.84 18.36
CA THR B 73 -8.46 8.82 19.44
C THR B 73 -7.30 9.81 19.33
N ILE B 74 -7.60 11.09 19.46
CA ILE B 74 -6.61 12.17 19.35
C ILE B 74 -6.72 13.05 20.59
N SER B 75 -5.73 12.97 21.47
CA SER B 75 -5.69 13.82 22.64
C SER B 75 -4.86 15.07 22.36
N ARG B 76 -5.12 16.12 23.14
CA ARG B 76 -4.46 17.42 22.98
C ARG B 76 -4.55 17.88 21.53
N VAL B 77 -5.78 18.01 21.04
CA VAL B 77 -6.02 18.29 19.63
C VAL B 77 -5.42 19.64 19.27
N GLU B 78 -4.44 19.62 18.36
CA GLU B 78 -3.90 20.85 17.80
C GLU B 78 -4.67 21.21 16.54
N ALA B 79 -4.77 22.51 16.28
CA ALA B 79 -5.48 22.99 15.10
C ALA B 79 -4.88 22.45 13.81
N GLY B 80 -3.59 22.08 13.82
CA GLY B 80 -2.95 21.56 12.64
C GLY B 80 -3.31 20.12 12.31
N ASP B 81 -4.36 19.61 12.95
CA ASP B 81 -4.85 18.26 12.69
C ASP B 81 -6.14 18.27 11.89
N GLU B 82 -6.72 19.43 11.60
CA GLU B 82 -7.88 19.58 10.73
C GLU B 82 -7.64 18.91 9.39
N ALA B 83 -8.32 17.79 9.13
CA ALA B 83 -7.99 16.98 7.95
C ALA B 83 -9.06 15.92 7.76
N ASP B 84 -8.89 15.12 6.72
CA ASP B 84 -9.72 13.95 6.48
C ASP B 84 -9.04 12.71 7.04
N TYR B 85 -9.85 11.79 7.55
CA TYR B 85 -9.36 10.57 8.20
C TYR B 85 -10.12 9.38 7.63
N TYR B 86 -9.39 8.45 7.02
CA TYR B 86 -10.00 7.30 6.35
C TYR B 86 -9.55 6.01 7.02
N CYS B 87 -10.51 5.14 7.32
CA CYS B 87 -10.19 3.79 7.77
C CYS B 87 -10.24 2.83 6.59
N GLN B 88 -9.53 1.72 6.73
CA GLN B 88 -9.33 0.78 5.64
C GLN B 88 -9.12 -0.63 6.19
N GLU B 89 -9.86 -1.58 5.65
CA GLU B 89 -9.69 -3.00 5.98
C GLU B 89 -9.32 -3.76 4.72
N TRP B 90 -8.46 -4.76 4.87
CA TRP B 90 -8.13 -5.68 3.78
C TRP B 90 -8.27 -7.09 4.36
N ASP B 91 -9.45 -7.67 4.18
CA ASP B 91 -9.71 -9.03 4.63
C ASP B 91 -8.96 -10.02 3.75
N THR B 92 -8.63 -11.18 4.34
CA THR B 92 -7.91 -12.21 3.60
C THR B 92 -8.74 -12.71 2.43
N SER B 93 -10.06 -12.79 2.60
CA SER B 93 -10.93 -13.25 1.52
C SER B 93 -11.02 -12.25 0.38
N SER B 94 -10.77 -10.96 0.64
CA SER B 94 -10.86 -9.93 -0.39
C SER B 94 -9.52 -9.79 -1.09
N ASP B 95 -9.55 -9.81 -2.42
CA ASP B 95 -8.34 -9.63 -3.22
C ASP B 95 -7.92 -8.17 -3.34
N TYR B 96 -8.68 -7.24 -2.76
CA TYR B 96 -8.31 -5.84 -2.71
C TYR B 96 -8.98 -5.22 -1.50
N PRO B 97 -8.38 -4.17 -0.91
CA PRO B 97 -8.92 -3.63 0.35
C PRO B 97 -10.18 -2.80 0.15
N VAL B 98 -10.64 -2.18 1.24
CA VAL B 98 -11.84 -1.35 1.24
C VAL B 98 -11.56 -0.11 2.08
N PHE B 99 -11.76 1.07 1.49
CA PHE B 99 -11.62 2.33 2.21
C PHE B 99 -12.99 2.78 2.71
N GLY B 100 -13.02 3.28 3.94
CA GLY B 100 -14.21 3.93 4.43
C GLY B 100 -14.49 5.24 3.71
N GLY B 101 -15.73 5.71 3.85
CA GLY B 101 -16.11 6.95 3.18
C GLY B 101 -15.20 8.10 3.50
N GLY B 102 -14.92 8.30 4.79
CA GLY B 102 -13.98 9.34 5.20
C GLY B 102 -14.57 10.34 6.15
N THR B 103 -14.04 10.39 7.37
CA THR B 103 -14.44 11.41 8.33
C THR B 103 -13.72 12.70 8.02
N LYS B 104 -14.40 13.83 8.22
CA LYS B 104 -13.86 15.14 7.90
C LYS B 104 -13.82 15.95 9.19
N VAL B 105 -12.63 16.12 9.76
CA VAL B 105 -12.45 16.63 11.11
C VAL B 105 -11.96 18.07 11.02
N THR B 106 -12.69 18.97 11.69
CA THR B 106 -12.35 20.39 11.78
C THR B 106 -12.12 20.76 13.23
N VAL B 107 -11.22 21.70 13.45
CA VAL B 107 -10.93 22.21 14.79
C VAL B 107 -11.89 23.36 15.08
N LEU B 108 -12.21 23.53 16.35
CA LEU B 108 -13.20 24.52 16.77
C LEU B 108 -12.52 25.70 17.45
N GLN B 110 -11.42 28.99 16.58
CA GLN B 110 -12.48 29.22 15.61
C GLN B 110 -12.87 30.69 15.58
N PRO B 111 -12.13 31.49 14.81
CA PRO B 111 -12.39 32.94 14.80
C PRO B 111 -13.43 33.33 13.76
N LYS B 112 -14.71 33.38 14.16
CA LYS B 112 -15.75 33.87 13.27
C LYS B 112 -15.41 35.26 12.76
N ALA B 113 -15.87 35.55 11.54
CA ALA B 113 -15.60 36.84 10.90
C ALA B 113 -16.51 37.02 9.70
N ALA B 114 -17.17 38.16 9.61
CA ALA B 114 -18.04 38.44 8.46
C ALA B 114 -17.23 38.41 7.17
N PRO B 115 -17.85 38.02 6.05
CA PRO B 115 -17.11 37.98 4.78
C PRO B 115 -16.77 39.36 4.26
N SER B 116 -16.13 39.42 3.08
CA SER B 116 -15.77 40.68 2.44
C SER B 116 -16.04 40.54 0.95
N VAL B 117 -16.86 41.44 0.41
CA VAL B 117 -17.40 41.30 -0.94
C VAL B 117 -16.98 42.49 -1.78
N THR B 118 -16.58 42.22 -3.03
CA THR B 118 -16.26 43.25 -4.01
C THR B 118 -16.86 42.85 -5.35
N LEU B 119 -17.71 43.69 -5.91
CA LEU B 119 -18.43 43.39 -7.14
C LEU B 119 -17.97 44.35 -8.24
N PHE B 120 -17.59 43.79 -9.38
CA PHE B 120 -17.13 44.55 -10.53
C PHE B 120 -18.07 44.36 -11.71
N PRO B 121 -18.49 45.45 -12.35
CA PRO B 121 -19.38 45.35 -13.51
C PRO B 121 -18.59 45.00 -14.77
N PRO B 122 -19.26 44.89 -15.94
CA PRO B 122 -18.50 44.63 -17.17
C PRO B 122 -17.55 45.77 -17.53
N SER B 123 -16.79 45.60 -18.61
CA SER B 123 -15.87 46.60 -19.11
C SER B 123 -16.33 47.06 -20.49
N SER B 124 -15.62 48.06 -21.02
CA SER B 124 -15.93 48.53 -22.37
C SER B 124 -15.48 47.52 -23.42
N GLU B 125 -14.29 46.95 -23.24
CA GLU B 125 -13.77 45.96 -24.18
C GLU B 125 -14.71 44.76 -24.30
N GLU B 126 -15.26 44.30 -23.17
CA GLU B 126 -16.12 43.14 -23.18
C GLU B 126 -17.48 43.45 -23.79
N LEU B 127 -18.08 44.58 -23.40
CA LEU B 127 -19.39 44.94 -23.91
C LEU B 127 -19.35 45.28 -25.39
N GLN B 128 -18.23 45.81 -25.88
CA GLN B 128 -18.10 46.08 -27.31
C GLN B 128 -18.10 44.82 -28.16
N ALA B 129 -17.92 43.65 -27.54
CA ALA B 129 -17.93 42.38 -28.26
C ALA B 129 -19.17 41.56 -27.99
N ASN B 130 -20.27 42.21 -27.59
CA ASN B 130 -21.54 41.54 -27.28
C ASN B 130 -21.36 40.48 -26.19
N LYS B 131 -20.78 40.91 -25.06
CA LYS B 131 -20.58 40.03 -23.91
C LYS B 131 -20.65 40.86 -22.65
N ALA B 132 -21.35 40.35 -21.65
CA ALA B 132 -21.49 41.03 -20.35
C ALA B 132 -21.17 40.05 -19.24
N THR B 133 -20.36 40.48 -18.28
CA THR B 133 -19.98 39.61 -17.17
C THR B 133 -19.73 40.45 -15.92
N LEU B 134 -20.32 40.03 -14.81
CA LEU B 134 -20.12 40.65 -13.51
C LEU B 134 -19.34 39.70 -12.61
N VAL B 135 -18.41 40.24 -11.84
CA VAL B 135 -17.54 39.45 -10.98
C VAL B 135 -17.84 39.81 -9.52
N CYS B 136 -17.90 38.79 -8.66
CA CYS B 136 -18.11 38.98 -7.23
C CYS B 136 -17.03 38.20 -6.49
N LEU B 137 -16.10 38.91 -5.86
CA LEU B 137 -14.99 38.30 -5.12
C LEU B 137 -15.26 38.42 -3.63
N ILE B 138 -15.19 37.30 -2.92
CA ILE B 138 -15.48 37.26 -1.50
C ILE B 138 -14.28 36.65 -0.79
N SER B 139 -13.92 37.21 0.37
CA SER B 139 -12.74 36.75 1.08
C SER B 139 -12.89 37.01 2.56
N ASP B 140 -12.08 36.28 3.34
CA ASP B 140 -11.94 36.49 4.78
C ASP B 140 -13.25 36.20 5.53
N PHE B 141 -13.70 34.95 5.47
CA PHE B 141 -14.87 34.51 6.21
C PHE B 141 -14.55 33.16 6.83
N TYR B 142 -14.88 33.00 8.12
CA TYR B 142 -14.68 31.74 8.83
C TYR B 142 -15.95 31.49 9.64
N PRO B 143 -16.67 30.39 9.41
CA PRO B 143 -16.39 29.28 8.49
C PRO B 143 -16.58 29.63 7.02
N GLY B 144 -16.51 28.63 6.14
CA GLY B 144 -16.62 28.85 4.72
C GLY B 144 -18.02 28.84 4.14
N ALA B 145 -19.05 28.75 4.99
CA ALA B 145 -20.43 28.73 4.49
C ALA B 145 -20.79 30.10 3.96
N VAL B 146 -20.78 30.27 2.64
CA VAL B 146 -21.09 31.55 2.01
C VAL B 146 -21.92 31.35 0.76
N THR B 147 -23.22 31.09 0.92
CA THR B 147 -24.11 31.00 -0.23
C THR B 147 -24.31 32.37 -0.85
N VAL B 148 -24.38 32.41 -2.19
CA VAL B 148 -24.39 33.65 -2.94
C VAL B 148 -25.69 33.73 -3.74
N ALA B 149 -26.27 34.93 -3.78
CA ALA B 149 -27.49 35.20 -4.54
C ALA B 149 -27.35 36.55 -5.22
N TRP B 150 -27.47 36.56 -6.55
CA TRP B 150 -27.42 37.81 -7.28
C TRP B 150 -28.83 38.39 -7.45
N LYS B 151 -28.89 39.61 -7.97
CA LYS B 151 -30.16 40.32 -8.13
C LYS B 151 -30.01 41.34 -9.25
N ALA B 152 -31.14 41.71 -9.84
CA ALA B 152 -31.16 42.65 -10.96
C ALA B 152 -32.39 43.53 -10.84
N ASP B 153 -32.18 44.80 -10.48
CA ASP B 153 -33.28 45.75 -10.28
C ASP B 153 -34.29 45.23 -9.26
N SER B 154 -33.75 44.71 -8.15
CA SER B 154 -34.55 44.09 -7.10
C SER B 154 -35.39 42.93 -7.64
N SER B 155 -34.87 42.24 -8.66
CA SER B 155 -35.50 41.06 -9.23
C SER B 155 -34.50 39.91 -9.23
N PRO B 156 -34.95 38.69 -8.97
CA PRO B 156 -34.02 37.57 -8.84
C PRO B 156 -33.51 37.07 -10.20
N VAL B 157 -32.21 36.83 -10.26
CA VAL B 157 -31.59 36.24 -11.45
C VAL B 157 -31.58 34.73 -11.27
N LYS B 158 -31.69 34.00 -12.37
CA LYS B 158 -31.80 32.55 -12.31
C LYS B 158 -31.00 31.87 -13.43
N ALA B 159 -29.91 32.51 -13.86
CA ALA B 159 -29.06 31.97 -14.91
C ALA B 159 -27.77 32.77 -14.96
N GLY B 160 -26.74 32.16 -15.54
CA GLY B 160 -25.46 32.83 -15.75
C GLY B 160 -24.53 32.87 -14.56
N VAL B 161 -24.95 32.33 -13.41
CA VAL B 161 -24.17 32.42 -12.17
C VAL B 161 -23.36 31.15 -12.00
N GLU B 162 -22.05 31.30 -11.79
CA GLU B 162 -21.16 30.20 -11.45
C GLU B 162 -20.36 30.58 -10.21
N THR B 163 -20.33 29.68 -9.22
CA THR B 163 -19.73 29.98 -7.93
C THR B 163 -18.69 28.93 -7.56
N THR B 164 -17.55 29.40 -7.06
CA THR B 164 -16.51 28.52 -6.57
C THR B 164 -16.68 28.27 -5.07
N THR B 165 -16.54 27.01 -4.67
CA THR B 165 -16.55 26.67 -3.26
C THR B 165 -15.31 27.26 -2.58
N PRO B 166 -15.37 27.48 -1.27
CA PRO B 166 -14.27 28.19 -0.58
C PRO B 166 -12.93 27.50 -0.71
N SER B 167 -11.89 28.23 -0.31
CA SER B 167 -10.52 27.74 -0.39
C SER B 167 -9.68 28.49 0.64
N LYS B 168 -8.81 27.77 1.32
CA LYS B 168 -8.00 28.35 2.38
C LYS B 168 -7.00 29.35 1.81
N GLN B 169 -6.93 30.53 2.43
CA GLN B 169 -5.98 31.55 2.03
C GLN B 169 -4.70 31.43 2.86
N SER B 170 -3.81 32.41 2.72
CA SER B 170 -2.60 32.47 3.54
C SER B 170 -2.87 32.98 4.94
N ASN B 171 -4.09 33.44 5.22
CA ASN B 171 -4.47 33.97 6.53
C ASN B 171 -5.43 33.05 7.26
N ASN B 172 -5.40 31.75 6.95
CA ASN B 172 -6.24 30.73 7.55
C ASN B 172 -7.72 30.93 7.25
N LYS B 173 -8.07 32.01 6.57
CA LYS B 173 -9.46 32.27 6.20
C LYS B 173 -9.76 31.66 4.84
N TYR B 174 -10.96 31.90 4.34
CA TYR B 174 -11.42 31.29 3.11
C TYR B 174 -11.89 32.37 2.12
N ALA B 175 -11.88 32.00 0.85
CA ALA B 175 -12.26 32.91 -0.23
C ALA B 175 -13.06 32.16 -1.28
N ALA B 176 -13.88 32.91 -2.02
CA ALA B 176 -14.72 32.35 -3.07
C ALA B 176 -15.03 33.43 -4.09
N SER B 177 -15.70 33.04 -5.17
CA SER B 177 -16.03 33.96 -6.24
C SER B 177 -17.29 33.48 -6.95
N SER B 178 -17.95 34.43 -7.62
CA SER B 178 -19.15 34.14 -8.39
C SER B 178 -19.18 35.04 -9.62
N TYR B 179 -19.47 34.45 -10.77
CA TYR B 179 -19.46 35.14 -12.05
C TYR B 179 -20.85 35.06 -12.67
N LEU B 180 -21.38 36.21 -13.07
CA LEU B 180 -22.71 36.31 -13.67
C LEU B 180 -22.58 36.70 -15.13
N SER B 181 -23.18 35.91 -16.01
CA SER B 181 -23.06 36.08 -17.46
C SER B 181 -24.34 36.64 -18.03
N LEU B 182 -24.22 37.70 -18.83
CA LEU B 182 -25.36 38.40 -19.42
C LEU B 182 -24.98 38.86 -20.82
N THR B 183 -25.99 39.32 -21.55
CA THR B 183 -25.82 40.06 -22.78
C THR B 183 -25.95 41.55 -22.50
N PRO B 184 -25.40 42.42 -23.37
CA PRO B 184 -25.50 43.87 -23.11
C PRO B 184 -26.92 44.37 -22.99
N GLU B 185 -27.86 43.80 -23.76
CA GLU B 185 -29.25 44.21 -23.67
C GLU B 185 -29.84 43.89 -22.31
N GLN B 186 -29.30 42.88 -21.61
CA GLN B 186 -29.73 42.54 -20.27
C GLN B 186 -28.94 43.29 -19.20
N TRP B 187 -27.83 43.93 -19.56
CA TRP B 187 -27.03 44.72 -18.64
C TRP B 187 -27.47 46.18 -18.60
N LYS B 188 -27.88 46.74 -19.73
CA LYS B 188 -28.27 48.14 -19.77
C LYS B 188 -29.77 48.34 -19.55
N SER B 189 -30.60 47.35 -19.84
CA SER B 189 -32.04 47.50 -19.66
C SER B 189 -32.45 47.58 -18.20
N HIS B 190 -31.55 47.27 -17.27
CA HIS B 190 -31.84 47.29 -15.85
C HIS B 190 -31.14 48.47 -15.19
N ARG B 191 -31.80 49.03 -14.18
CA ARG B 191 -31.20 50.11 -13.39
C ARG B 191 -29.84 49.70 -12.84
N SER B 192 -29.81 48.57 -12.12
CA SER B 192 -28.62 48.17 -11.40
C SER B 192 -28.59 46.65 -11.28
N TYR B 193 -27.48 46.15 -10.73
CA TYR B 193 -27.31 44.74 -10.42
C TYR B 193 -26.67 44.63 -9.05
N SER B 194 -26.91 43.51 -8.37
CA SER B 194 -26.47 43.36 -7.00
C SER B 194 -26.02 41.93 -6.74
N CYS B 195 -25.18 41.79 -5.72
CA CYS B 195 -24.59 40.52 -5.32
C CYS B 195 -24.73 40.38 -3.81
N GLN B 196 -25.08 39.18 -3.34
CA GLN B 196 -25.31 38.94 -1.93
C GLN B 196 -24.57 37.68 -1.49
N VAL B 197 -23.93 37.77 -0.33
CA VAL B 197 -23.22 36.67 0.30
C VAL B 197 -23.76 36.49 1.71
N THR B 198 -23.96 35.24 2.12
CA THR B 198 -24.57 34.94 3.40
C THR B 198 -23.65 34.02 4.19
N HIS B 199 -23.06 34.55 5.27
CA HIS B 199 -22.22 33.74 6.15
C HIS B 199 -23.06 32.96 7.15
N GLU B 200 -23.97 33.65 7.85
CA GLU B 200 -24.87 33.07 8.83
C GLU B 200 -26.14 33.93 8.83
N GLY B 201 -26.87 33.86 7.73
CA GLY B 201 -28.01 34.74 7.52
C GLY B 201 -27.65 36.17 7.18
N SER B 202 -26.40 36.57 7.38
CA SER B 202 -25.95 37.94 7.10
C SER B 202 -25.90 38.14 5.59
N THR B 203 -26.90 38.82 5.05
CA THR B 203 -27.01 39.04 3.61
C THR B 203 -26.23 40.29 3.23
N VAL B 204 -24.90 40.13 3.13
CA VAL B 204 -24.05 41.23 2.69
C VAL B 204 -24.25 41.47 1.20
N GLU B 205 -24.56 42.70 0.83
CA GLU B 205 -24.93 43.03 -0.54
C GLU B 205 -24.07 44.16 -1.09
N LYS B 206 -23.60 43.98 -2.32
CA LYS B 206 -22.95 45.02 -3.10
C LYS B 206 -23.75 45.28 -4.36
N THR B 207 -23.51 46.43 -4.99
CA THR B 207 -24.32 46.87 -6.11
C THR B 207 -23.45 47.60 -7.13
N VAL B 208 -23.81 47.44 -8.41
CA VAL B 208 -23.22 48.18 -9.51
C VAL B 208 -24.35 48.62 -10.45
N ALA B 209 -23.99 49.45 -11.43
CA ALA B 209 -24.96 49.99 -12.36
C ALA B 209 -24.23 50.50 -13.60
N PRO B 210 -24.90 50.55 -14.76
CA PRO B 210 -24.28 51.12 -15.97
C PRO B 210 -24.13 52.64 -15.91
N GLU C 1 31.15 -19.36 7.59
CA GLU C 1 31.95 -19.27 6.38
C GLU C 1 31.14 -19.51 5.11
N ASP C 2 29.96 -20.15 5.24
CA ASP C 2 29.13 -20.44 4.09
C ASP C 2 28.19 -19.27 3.86
N PRO C 3 28.40 -18.45 2.82
CA PRO C 3 27.54 -17.29 2.57
C PRO C 3 26.30 -17.58 1.74
N HIS C 4 26.04 -18.83 1.38
CA HIS C 4 25.00 -19.15 0.39
C HIS C 4 23.86 -19.96 0.99
N LEU C 5 23.69 -19.90 2.32
CA LEU C 5 22.65 -20.69 2.95
C LEU C 5 21.26 -20.26 2.51
N ARG C 6 21.09 -19.01 2.07
CA ARG C 6 19.82 -18.51 1.59
C ARG C 6 19.59 -18.75 0.10
N ASN C 7 20.50 -19.42 -0.61
CA ASN C 7 20.30 -19.67 -2.04
C ASN C 7 19.70 -21.08 -2.10
N ARG C 8 18.38 -21.12 -2.28
CA ARG C 8 17.78 -22.37 -1.86
C ARG C 8 17.59 -23.34 -3.04
N PRO C 9 17.71 -24.64 -2.81
CA PRO C 9 17.30 -25.62 -3.81
C PRO C 9 15.77 -25.59 -3.90
N GLY C 10 15.20 -26.13 -5.03
CA GLY C 10 13.75 -26.22 -5.06
C GLY C 10 13.14 -24.85 -5.23
N LYS C 11 11.94 -24.67 -4.64
CA LYS C 11 11.28 -23.38 -4.72
C LYS C 11 11.92 -22.33 -3.85
N GLY C 12 12.45 -22.77 -2.74
CA GLY C 12 13.08 -21.91 -1.82
C GLY C 12 11.97 -21.17 -1.14
N HIS C 13 10.77 -21.75 -1.19
CA HIS C 13 9.58 -21.13 -0.64
C HIS C 13 9.48 -21.55 0.82
N ASN C 14 9.58 -20.58 1.71
CA ASN C 14 9.52 -20.85 3.13
C ASN C 14 8.34 -20.03 3.67
N TYR C 15 7.15 -20.39 3.23
CA TYR C 15 5.91 -19.85 3.76
C TYR C 15 4.96 -21.03 3.90
N ILE C 16 3.94 -20.88 4.73
CA ILE C 16 2.90 -21.89 4.83
C ILE C 16 1.64 -21.35 4.19
N ASP C 17 0.89 -22.26 3.56
CA ASP C 17 -0.37 -21.89 2.93
C ASP C 17 -1.29 -21.22 3.94
N GLY C 18 -1.89 -20.11 3.52
CA GLY C 18 -2.76 -19.33 4.36
C GLY C 18 -2.07 -18.19 5.09
N MET C 19 -0.75 -18.08 4.96
CA MET C 19 0.04 -16.98 5.53
C MET C 19 0.98 -16.53 4.43
N THR C 20 0.50 -15.63 3.57
CA THR C 20 1.17 -15.26 2.35
C THR C 20 1.64 -13.81 2.39
N GLN C 21 1.56 -13.19 3.56
CA GLN C 21 1.86 -11.77 3.70
C GLN C 21 3.35 -11.46 3.78
N GLU C 22 4.22 -12.47 3.72
CA GLU C 22 5.65 -12.23 3.61
C GLU C 22 6.20 -12.97 2.39
N ASP C 23 5.36 -13.17 1.39
CA ASP C 23 5.79 -13.81 0.15
C ASP C 23 6.96 -13.08 -0.50
N ALA C 24 7.07 -11.76 -0.28
CA ALA C 24 8.11 -10.99 -0.94
C ALA C 24 9.51 -11.45 -0.54
N THR C 25 9.66 -11.98 0.67
CA THR C 25 10.96 -12.45 1.12
C THR C 25 10.97 -13.95 1.42
N CYS C 26 9.83 -14.62 1.31
CA CYS C 26 9.75 -16.04 1.56
C CYS C 26 9.42 -16.85 0.31
N LYS C 27 9.00 -16.18 -0.77
CA LYS C 27 8.47 -16.84 -1.96
C LYS C 27 9.12 -16.22 -3.20
N PRO C 28 10.42 -16.46 -3.41
CA PRO C 28 11.25 -17.44 -2.69
C PRO C 28 12.12 -16.77 -1.64
N VAL C 29 12.64 -17.53 -0.68
CA VAL C 29 13.78 -17.08 0.09
C VAL C 29 14.96 -16.85 -0.83
N THR C 30 15.70 -15.76 -0.60
CA THR C 30 16.90 -15.48 -1.37
C THR C 30 17.83 -14.64 -0.51
N TYR C 31 18.91 -14.14 -1.14
CA TYR C 31 19.99 -13.53 -0.38
C TYR C 31 19.50 -12.35 0.45
N ALA C 32 18.59 -11.57 -0.10
CA ALA C 32 18.11 -10.34 0.53
C ALA C 32 16.81 -10.62 1.27
N GLY C 33 16.63 -9.93 2.38
CA GLY C 33 15.35 -9.93 3.06
C GLY C 33 15.32 -10.89 4.24
N ALA C 34 14.32 -10.69 5.10
CA ALA C 34 14.10 -11.54 6.26
C ALA C 34 12.84 -12.36 6.03
N CYS C 35 12.85 -13.58 6.53
CA CYS C 35 11.74 -14.53 6.32
C CYS C 35 11.55 -15.25 7.65
N SER C 36 10.43 -14.97 8.33
CA SER C 36 10.21 -15.49 9.67
C SER C 36 10.05 -17.00 9.71
N SER C 37 9.73 -17.65 8.59
CA SER C 37 9.62 -19.10 8.57
C SER C 37 10.96 -19.79 8.34
N PHE C 38 11.98 -19.07 7.90
CA PHE C 38 13.26 -19.67 7.53
C PHE C 38 14.42 -19.22 8.42
N ASP C 39 14.47 -17.93 8.78
CA ASP C 39 15.66 -17.37 9.43
C ASP C 39 16.00 -18.05 10.75
N VAL C 40 14.99 -18.48 11.51
CA VAL C 40 15.26 -19.16 12.79
C VAL C 40 16.10 -20.41 12.58
N LEU C 41 16.02 -21.03 11.40
CA LEU C 41 16.78 -22.25 11.15
C LEU C 41 18.27 -21.99 11.12
N LEU C 42 18.69 -20.73 10.91
CA LEU C 42 20.09 -20.36 10.80
C LEU C 42 20.68 -19.81 12.10
N GLU C 43 19.89 -19.71 13.17
CA GLU C 43 20.42 -19.28 14.46
C GLU C 43 21.38 -20.33 15.01
N LYS C 44 22.64 -19.94 15.18
CA LYS C 44 23.71 -20.89 15.49
C LYS C 44 23.34 -21.78 16.67
N GLY C 45 23.33 -23.09 16.42
CA GLY C 45 23.11 -24.09 17.43
C GLY C 45 21.66 -24.47 17.66
N LYS C 46 20.72 -23.65 17.16
CA LYS C 46 19.30 -23.94 17.39
C LYS C 46 18.85 -25.14 16.58
N PHE C 47 19.35 -25.28 15.36
CA PHE C 47 18.93 -26.32 14.43
C PHE C 47 20.18 -26.99 13.86
N PRO C 48 20.91 -27.74 14.69
CA PRO C 48 22.22 -28.25 14.25
C PRO C 48 22.17 -29.21 13.07
N LEU C 49 21.18 -30.09 12.98
CA LEU C 49 21.10 -30.97 11.82
C LEU C 49 20.84 -30.20 10.53
N PHE C 50 19.86 -29.31 10.54
CA PHE C 50 19.63 -28.51 9.34
C PHE C 50 20.86 -27.68 9.00
N GLN C 51 21.52 -27.13 10.03
CA GLN C 51 22.67 -26.29 9.75
C GLN C 51 23.85 -27.10 9.22
N SER C 52 23.88 -28.40 9.52
CA SER C 52 24.84 -29.30 8.90
C SER C 52 24.45 -29.69 7.49
N TYR C 53 23.17 -29.55 7.14
CA TYR C 53 22.68 -29.95 5.81
C TYR C 53 21.89 -28.81 5.19
N ALA C 54 22.39 -27.59 5.32
CA ALA C 54 21.60 -26.40 5.04
C ALA C 54 21.36 -26.14 3.56
N HIS C 55 22.08 -26.81 2.67
CA HIS C 55 21.77 -26.74 1.25
C HIS C 55 20.79 -27.82 0.81
N HIS C 56 20.17 -28.53 1.75
CA HIS C 56 19.05 -29.41 1.47
C HIS C 56 17.76 -28.67 1.82
N ARG C 57 16.63 -29.30 1.55
CA ARG C 57 15.38 -28.57 1.63
C ARG C 57 14.87 -28.53 3.07
N THR C 58 14.21 -27.42 3.42
CA THR C 58 13.43 -27.34 4.63
C THR C 58 12.11 -28.08 4.45
N LEU C 59 11.32 -28.15 5.53
CA LEU C 59 10.02 -28.79 5.44
C LEU C 59 9.10 -28.01 4.51
N LEU C 60 9.03 -26.68 4.69
CA LEU C 60 8.17 -25.88 3.83
C LEU C 60 8.64 -25.94 2.38
N GLU C 61 9.96 -25.98 2.16
CA GLU C 61 10.45 -26.08 0.79
C GLU C 61 10.02 -27.41 0.18
N ALA C 62 10.11 -28.49 0.95
CA ALA C 62 9.74 -29.82 0.46
C ALA C 62 8.24 -29.90 0.20
N VAL C 63 7.44 -29.21 1.02
CA VAL C 63 6.01 -29.15 0.76
C VAL C 63 5.75 -28.41 -0.55
N HIS C 64 6.39 -27.25 -0.73
CA HIS C 64 6.09 -26.47 -1.92
C HIS C 64 6.76 -27.06 -3.16
N ASP C 65 7.78 -27.92 -3.01
CA ASP C 65 8.37 -28.65 -4.12
C ASP C 65 7.60 -29.91 -4.44
N THR C 66 6.51 -30.19 -3.72
CA THR C 66 5.64 -31.33 -3.95
C THR C 66 6.35 -32.65 -3.66
N ILE C 67 7.36 -32.61 -2.78
CA ILE C 67 7.99 -33.83 -2.33
C ILE C 67 7.20 -34.41 -1.17
N ILE C 68 6.70 -33.54 -0.30
CA ILE C 68 5.91 -33.91 0.87
C ILE C 68 4.51 -33.34 0.71
N ALA C 69 3.50 -34.17 0.93
CA ALA C 69 2.10 -33.75 0.84
C ALA C 69 1.68 -33.06 2.13
N LYS C 70 0.70 -32.16 2.01
CA LYS C 70 0.09 -31.54 3.19
C LYS C 70 -0.91 -32.50 3.83
N ALA C 71 -0.95 -32.50 5.17
CA ALA C 71 -1.97 -33.22 5.90
C ALA C 71 -3.35 -32.65 5.61
N ASP C 72 -4.37 -33.46 5.85
CA ASP C 72 -5.77 -33.05 5.71
C ASP C 72 -6.47 -33.19 7.05
N PRO C 73 -6.79 -32.09 7.73
CA PRO C 73 -6.63 -30.69 7.27
C PRO C 73 -5.20 -30.18 7.42
N PRO C 74 -4.84 -29.14 6.69
CA PRO C 74 -3.44 -28.66 6.73
C PRO C 74 -3.16 -27.72 7.88
N SER C 75 -4.18 -27.20 8.55
CA SER C 75 -3.97 -26.50 9.81
C SER C 75 -5.05 -26.86 10.82
N CYS C 76 -4.64 -26.95 12.07
CA CYS C 76 -5.51 -27.23 13.20
C CYS C 76 -5.76 -25.95 14.01
N ASP C 77 -7.03 -25.69 14.33
CA ASP C 77 -7.45 -24.46 15.05
C ASP C 77 -7.35 -24.70 16.55
N LEU C 78 -6.30 -24.13 17.17
CA LEU C 78 -6.03 -24.37 18.60
C LEU C 78 -7.09 -23.77 19.53
N GLN C 79 -7.80 -22.73 19.10
CA GLN C 79 -8.80 -22.12 19.99
C GLN C 79 -10.03 -23.00 20.18
N SER C 80 -10.27 -23.96 19.30
CA SER C 80 -11.54 -24.64 19.21
C SER C 80 -11.87 -25.30 20.56
N ALA C 81 -13.11 -25.80 20.70
CA ALA C 81 -13.45 -26.58 21.89
C ALA C 81 -12.76 -27.92 21.85
N HIS C 82 -13.19 -28.83 20.96
CA HIS C 82 -12.71 -30.21 21.05
C HIS C 82 -11.21 -30.21 20.86
N GLY C 83 -10.73 -29.13 20.27
CA GLY C 83 -9.35 -28.90 19.94
C GLY C 83 -9.12 -29.09 18.47
N ASN C 84 -8.25 -30.00 18.14
CA ASN C 84 -7.98 -30.27 16.74
C ASN C 84 -7.45 -31.69 16.58
N PRO C 85 -7.54 -32.25 15.37
CA PRO C 85 -7.16 -33.66 15.19
C PRO C 85 -5.67 -33.82 15.35
N CYS C 86 -4.96 -32.68 15.44
CA CYS C 86 -3.52 -32.67 15.61
C CYS C 86 -3.17 -32.79 17.08
N MET C 87 -4.16 -32.64 17.96
CA MET C 87 -3.88 -32.41 19.38
C MET C 87 -3.11 -33.59 19.94
N LYS C 88 -3.51 -34.80 19.56
CA LYS C 88 -2.85 -35.99 20.08
C LYS C 88 -1.39 -35.99 19.68
N GLU C 89 -1.11 -35.74 18.40
CA GLU C 89 0.27 -35.68 17.94
C GLU C 89 1.03 -34.52 18.57
N LYS C 90 0.39 -33.35 18.70
CA LYS C 90 1.10 -32.19 19.24
C LYS C 90 1.41 -32.34 20.72
N LEU C 91 0.48 -32.89 21.50
CA LEU C 91 0.63 -32.91 22.95
C LEU C 91 1.79 -33.79 23.38
N VAL C 92 2.11 -34.82 22.59
CA VAL C 92 3.20 -35.71 22.96
C VAL C 92 4.56 -35.12 22.59
N MET C 93 4.57 -33.96 21.93
CA MET C 93 5.79 -33.26 21.60
C MET C 93 6.06 -32.19 22.67
N LYS C 94 7.30 -32.14 23.14
CA LYS C 94 7.74 -31.07 24.03
C LYS C 94 8.47 -30.04 23.17
N THR C 95 7.90 -28.84 23.07
CA THR C 95 8.36 -27.85 22.11
C THR C 95 8.47 -26.50 22.78
N HIS C 96 9.37 -25.66 22.25
CA HIS C 96 9.52 -24.29 22.71
C HIS C 96 9.33 -23.38 21.50
N CYS C 97 8.26 -22.56 21.53
CA CYS C 97 7.97 -21.56 20.51
C CYS C 97 8.47 -20.19 20.94
N PRO C 98 9.25 -19.50 20.13
CA PRO C 98 9.50 -18.09 20.39
C PRO C 98 8.21 -17.29 20.31
N ASN C 99 8.23 -16.11 20.92
CA ASN C 99 7.09 -15.21 20.89
C ASN C 99 6.78 -14.71 19.47
N ASP C 100 5.55 -14.25 19.30
CA ASP C 100 5.05 -13.56 18.11
C ASP C 100 4.83 -14.46 16.90
N TYR C 101 4.66 -15.77 17.08
CA TYR C 101 4.26 -16.61 15.96
C TYR C 101 2.78 -16.92 16.02
N GLN C 102 2.13 -16.88 14.85
CA GLN C 102 0.72 -17.23 14.71
C GLN C 102 0.49 -18.69 14.32
N SER C 103 1.55 -19.38 13.87
CA SER C 103 1.41 -20.67 13.22
C SER C 103 2.65 -21.49 13.50
N ALA C 104 2.48 -22.81 13.58
CA ALA C 104 3.64 -23.69 13.64
C ALA C 104 3.32 -25.00 12.93
N HIS C 105 4.31 -25.57 12.27
CA HIS C 105 4.08 -26.69 11.37
C HIS C 105 5.06 -27.82 11.70
N TYR C 106 4.66 -29.03 11.36
CA TYR C 106 5.45 -30.21 11.68
C TYR C 106 5.11 -31.33 10.71
N LEU C 107 6.01 -32.30 10.64
CA LEU C 107 5.81 -33.48 9.83
C LEU C 107 5.12 -34.54 10.68
N ASN C 108 3.91 -34.94 10.28
CA ASN C 108 3.05 -35.72 11.15
C ASN C 108 3.34 -37.21 10.96
N ASN C 109 2.53 -38.06 11.60
CA ASN C 109 2.79 -39.51 11.56
C ASN C 109 2.61 -40.09 10.17
N ASP C 110 1.74 -39.49 9.34
CA ASP C 110 1.55 -39.97 7.98
C ASP C 110 2.63 -39.49 7.01
N GLY C 111 3.60 -38.72 7.49
CA GLY C 111 4.61 -38.17 6.61
C GLY C 111 4.13 -36.97 5.83
N LYS C 112 3.12 -36.29 6.33
CA LYS C 112 2.54 -35.10 5.72
C LYS C 112 2.69 -33.92 6.66
N MET C 113 2.58 -32.72 6.11
CA MET C 113 2.78 -31.50 6.90
C MET C 113 1.47 -31.10 7.55
N ALA C 114 1.46 -31.05 8.87
CA ALA C 114 0.34 -30.54 9.64
C ALA C 114 0.76 -29.23 10.27
N SER C 115 -0.21 -28.48 10.77
CA SER C 115 0.12 -27.25 11.47
C SER C 115 -0.94 -26.93 12.52
N VAL C 116 -0.50 -26.27 13.58
CA VAL C 116 -1.37 -25.66 14.57
C VAL C 116 -1.40 -24.16 14.30
N LYS C 117 -2.58 -23.57 14.46
CA LYS C 117 -2.88 -22.23 13.98
C LYS C 117 -3.80 -21.53 14.97
N CYS C 118 -3.55 -20.26 15.17
CA CYS C 118 -4.31 -19.39 16.02
C CYS C 118 -5.20 -18.49 15.19
N PRO C 119 -6.22 -17.87 15.79
CA PRO C 119 -7.07 -16.97 15.02
C PRO C 119 -6.33 -15.68 14.72
N PRO C 120 -6.94 -14.76 13.95
CA PRO C 120 -6.41 -13.39 13.88
C PRO C 120 -6.02 -12.80 15.23
N LYS C 121 -5.00 -11.94 15.23
CA LYS C 121 -4.56 -11.19 16.40
C LYS C 121 -4.19 -12.10 17.58
N TYR C 122 -4.10 -13.41 17.37
CA TYR C 122 -3.71 -14.35 18.41
C TYR C 122 -2.34 -14.93 18.12
N GLU C 123 -1.58 -15.16 19.19
CA GLU C 123 -0.26 -15.76 19.14
C GLU C 123 -0.26 -17.12 19.82
N LEU C 124 0.65 -17.99 19.39
CA LEU C 124 0.91 -19.24 20.11
C LEU C 124 1.48 -18.97 21.50
N THR C 125 1.13 -19.83 22.45
CA THR C 125 1.80 -19.72 23.74
C THR C 125 3.22 -20.28 23.66
N GLU C 126 3.96 -20.12 24.76
CA GLU C 126 5.38 -20.48 24.76
C GLU C 126 5.60 -21.98 24.55
N ASP C 127 4.66 -22.81 25.01
CA ASP C 127 4.73 -24.25 24.86
C ASP C 127 4.15 -24.75 23.55
N CYS C 128 3.66 -23.85 22.70
CA CYS C 128 3.09 -24.15 21.38
C CYS C 128 1.78 -24.91 21.49
N ASN C 129 1.14 -24.90 22.66
CA ASN C 129 -0.07 -25.69 22.87
C ASN C 129 -1.35 -24.89 22.92
N PHE C 130 -1.27 -23.57 23.09
CA PHE C 130 -2.46 -22.75 23.23
C PHE C 130 -2.26 -21.45 22.44
N CYS C 131 -3.34 -20.68 22.32
CA CYS C 131 -3.29 -19.38 21.70
C CYS C 131 -3.67 -18.34 22.74
N ARG C 132 -3.13 -17.14 22.59
CA ARG C 132 -3.51 -16.07 23.50
C ARG C 132 -3.44 -14.72 22.81
N GLN C 133 -4.14 -13.75 23.39
CA GLN C 133 -4.17 -12.38 22.91
C GLN C 133 -3.20 -11.66 23.83
N MET C 134 -2.03 -11.29 23.33
CA MET C 134 -1.15 -10.38 24.04
C MET C 134 -1.08 -9.02 23.38
N THR C 135 -1.14 -7.98 24.20
CA THR C 135 -0.98 -6.59 23.75
C THR C 135 0.51 -6.27 23.73
N GLY C 136 1.12 -6.48 22.57
CA GLY C 136 2.54 -6.24 22.42
C GLY C 136 2.97 -6.02 20.98
N ALA C 137 4.07 -6.64 20.59
CA ALA C 137 4.56 -6.50 19.22
C ALA C 137 3.58 -7.09 18.22
N SER C 138 3.66 -6.61 16.99
CA SER C 138 2.95 -7.24 15.89
C SER C 138 3.35 -8.70 15.76
N LEU C 139 2.47 -9.49 15.16
CA LEU C 139 2.75 -10.91 14.96
C LEU C 139 3.61 -11.10 13.73
N LYS C 140 4.45 -12.15 13.75
CA LYS C 140 5.09 -12.57 12.52
C LYS C 140 4.06 -12.97 11.47
N LYS C 141 4.50 -12.95 10.22
CA LYS C 141 3.63 -13.26 9.10
C LYS C 141 3.79 -14.69 8.59
N GLY C 142 4.57 -15.52 9.27
CA GLY C 142 4.82 -16.87 8.82
C GLY C 142 4.59 -17.89 9.92
N SER C 143 5.31 -19.01 9.82
CA SER C 143 5.06 -20.19 10.64
C SER C 143 6.35 -20.79 11.15
N TYR C 144 6.33 -21.25 12.42
CA TYR C 144 7.52 -21.72 13.13
C TYR C 144 7.71 -23.22 12.90
N PRO C 145 8.90 -23.66 12.45
CA PRO C 145 9.13 -25.09 12.21
C PRO C 145 9.35 -25.82 13.53
N LEU C 146 8.51 -26.82 13.80
CA LEU C 146 8.53 -27.50 15.10
C LEU C 146 9.62 -28.55 15.24
N GLN C 147 10.21 -29.01 14.14
CA GLN C 147 11.13 -30.14 14.17
C GLN C 147 12.43 -29.72 13.50
N ASP C 148 13.54 -30.35 13.90
CA ASP C 148 14.80 -30.11 13.22
C ASP C 148 14.99 -31.15 12.12
N LEU C 149 14.81 -30.75 10.86
CA LEU C 149 14.83 -31.75 9.80
C LEU C 149 15.31 -31.15 8.49
N PHE C 150 15.49 -32.02 7.51
CA PHE C 150 15.77 -31.64 6.14
C PHE C 150 15.21 -32.70 5.19
N CYS C 151 15.00 -32.32 3.94
CA CYS C 151 14.32 -33.18 2.99
C CYS C 151 15.02 -33.20 1.64
N GLN C 152 14.67 -34.21 0.85
CA GLN C 152 15.14 -34.39 -0.52
C GLN C 152 14.13 -35.28 -1.23
N SER C 153 14.18 -35.27 -2.56
CA SER C 153 13.31 -36.15 -3.32
C SER C 153 13.83 -37.59 -3.26
N SER C 154 12.91 -38.54 -3.37
CA SER C 154 13.29 -39.95 -3.44
C SER C 154 12.17 -40.76 -4.08
N GLU C 155 12.54 -41.75 -4.88
CA GLU C 155 11.61 -42.74 -5.41
C GLU C 155 11.77 -44.10 -4.73
N ASP C 156 12.53 -44.18 -3.64
CA ASP C 156 12.83 -45.44 -3.00
C ASP C 156 11.67 -45.86 -2.12
N ASP C 157 11.01 -46.96 -2.47
CA ASP C 157 9.76 -47.34 -1.82
C ASP C 157 10.05 -47.79 -0.39
N GLY C 158 9.40 -47.15 0.58
CA GLY C 158 9.51 -47.56 1.96
C GLY C 158 8.28 -48.22 2.55
N SER C 159 7.45 -48.83 1.69
CA SER C 159 6.17 -49.35 2.15
C SER C 159 6.33 -50.49 3.15
N LYS C 160 7.49 -51.14 3.20
CA LYS C 160 7.77 -52.21 4.14
C LYS C 160 8.58 -51.76 5.33
N LEU C 161 8.91 -50.47 5.42
CA LEU C 161 9.73 -49.95 6.52
C LEU C 161 8.84 -49.57 7.70
N LYS C 162 9.28 -49.95 8.90
CA LYS C 162 8.50 -49.69 10.10
C LYS C 162 9.43 -49.41 11.28
N THR C 163 8.96 -48.56 12.18
CA THR C 163 9.67 -48.26 13.43
C THR C 163 10.02 -49.54 14.18
N LYS C 164 11.29 -49.64 14.58
CA LYS C 164 11.75 -50.73 15.43
C LYS C 164 12.73 -50.17 16.45
N MET C 165 12.35 -50.16 17.73
CA MET C 165 13.16 -49.55 18.77
C MET C 165 13.23 -50.51 19.95
N LYS C 166 14.43 -50.90 20.34
CA LYS C 166 14.62 -51.90 21.38
C LYS C 166 14.04 -51.44 22.72
N GLY C 167 13.12 -52.23 23.27
CA GLY C 167 12.63 -51.99 24.62
C GLY C 167 11.67 -50.85 24.81
N VAL C 168 11.23 -50.19 23.74
CA VAL C 168 10.31 -49.07 23.84
C VAL C 168 8.87 -49.59 23.70
N CYS C 169 7.99 -49.11 24.57
CA CYS C 169 6.57 -49.44 24.49
C CYS C 169 5.80 -48.35 23.77
N GLU C 170 6.12 -47.09 24.03
CA GLU C 170 5.49 -45.96 23.39
C GLU C 170 6.57 -44.93 23.10
N VAL C 171 6.51 -44.35 21.90
CA VAL C 171 7.37 -43.22 21.53
C VAL C 171 6.50 -42.24 20.76
N GLY C 172 6.30 -41.05 21.33
CA GLY C 172 5.33 -40.16 20.72
C GLY C 172 3.99 -40.85 20.71
N VAL C 173 3.32 -40.81 19.56
CA VAL C 173 2.00 -41.44 19.44
C VAL C 173 2.09 -42.91 19.03
N GLN C 174 3.30 -43.47 18.90
CA GLN C 174 3.45 -44.85 18.46
C GLN C 174 3.58 -45.78 19.66
N ALA C 175 2.58 -46.64 19.83
CA ALA C 175 2.63 -47.74 20.79
C ALA C 175 3.23 -48.97 20.10
N LEU C 176 4.37 -49.45 20.59
CA LEU C 176 5.12 -50.43 19.80
C LEU C 176 4.68 -51.86 20.08
N LYS C 177 4.24 -52.16 21.31
CA LYS C 177 3.91 -53.52 21.69
C LYS C 177 3.10 -53.46 22.98
N LYS C 178 2.49 -54.58 23.32
CA LYS C 178 1.85 -54.73 24.63
C LYS C 178 2.90 -54.65 25.74
N CYS C 179 2.64 -53.78 26.72
CA CYS C 179 3.42 -53.73 27.95
C CYS C 179 2.45 -53.50 29.09
N ASP C 180 2.22 -54.52 29.89
CA ASP C 180 1.31 -54.43 31.02
C ASP C 180 2.06 -54.27 32.34
N GLY C 181 3.40 -54.22 32.30
CA GLY C 181 4.18 -54.02 33.49
C GLY C 181 4.39 -52.54 33.74
N GLN C 182 5.18 -52.25 34.77
CA GLN C 182 5.51 -50.86 35.06
C GLN C 182 6.59 -50.32 34.12
N LEU C 183 6.38 -49.09 33.67
CA LEU C 183 7.16 -48.45 32.63
C LEU C 183 7.83 -47.20 33.19
N SER C 184 8.88 -46.74 32.51
CA SER C 184 9.48 -45.45 32.82
C SER C 184 9.13 -44.48 31.69
N THR C 185 8.99 -43.20 32.04
CA THR C 185 8.54 -42.21 31.08
C THR C 185 9.52 -41.03 31.06
N ALA C 186 9.84 -40.56 29.86
CA ALA C 186 10.72 -39.41 29.74
C ALA C 186 10.42 -38.68 28.43
N HIS C 187 10.74 -37.40 28.38
CA HIS C 187 10.82 -36.72 27.09
C HIS C 187 12.20 -36.96 26.50
N GLU C 188 12.25 -37.46 25.27
CA GLU C 188 13.49 -37.77 24.60
C GLU C 188 13.53 -37.11 23.23
N VAL C 189 14.73 -36.73 22.80
CA VAL C 189 14.96 -36.27 21.43
C VAL C 189 15.22 -37.49 20.57
N VAL C 190 14.28 -37.79 19.68
CA VAL C 190 14.26 -39.03 18.91
C VAL C 190 14.47 -38.69 17.44
N PRO C 191 15.41 -39.36 16.76
CA PRO C 191 15.51 -39.23 15.31
C PRO C 191 14.39 -39.99 14.61
N PHE C 192 14.03 -39.50 13.44
CA PHE C 192 13.00 -40.13 12.63
C PHE C 192 13.28 -39.85 11.17
N ALA C 193 12.64 -40.63 10.31
CA ALA C 193 12.66 -40.35 8.88
C ALA C 193 11.31 -40.70 8.26
N VAL C 194 11.04 -40.09 7.12
CA VAL C 194 9.85 -40.39 6.34
C VAL C 194 10.31 -40.79 4.93
N PHE C 195 9.68 -41.84 4.40
CA PHE C 195 10.00 -42.39 3.10
C PHE C 195 8.73 -42.37 2.25
N LYS C 196 8.93 -42.45 0.92
CA LYS C 196 7.82 -42.73 0.02
C LYS C 196 7.03 -43.95 0.48
N ASN C 197 5.72 -43.77 0.63
CA ASN C 197 4.78 -44.82 1.01
C ASN C 197 5.05 -45.39 2.40
N SER C 198 5.76 -44.68 3.26
CA SER C 198 5.91 -45.08 4.65
C SER C 198 5.22 -44.10 5.58
N LYS C 199 5.04 -44.53 6.83
CA LYS C 199 4.76 -43.62 7.93
C LYS C 199 6.06 -43.06 8.49
N LYS C 200 5.94 -42.21 9.51
CA LYS C 200 7.10 -41.78 10.28
C LYS C 200 7.78 -42.99 10.92
N VAL C 201 9.08 -43.13 10.68
CA VAL C 201 9.91 -44.20 11.25
C VAL C 201 10.80 -43.58 12.31
N TYR C 202 10.50 -43.82 13.58
CA TYR C 202 11.43 -43.42 14.64
C TYR C 202 12.57 -44.43 14.74
N LEU C 203 13.73 -43.94 15.16
CA LEU C 203 14.96 -44.73 15.13
C LEU C 203 15.68 -44.65 16.46
N ASP C 204 16.40 -45.73 16.80
CA ASP C 204 17.19 -45.74 18.01
C ASP C 204 18.49 -44.95 17.86
N LYS C 205 19.03 -44.89 16.63
CA LYS C 205 20.32 -44.27 16.35
C LYS C 205 20.25 -43.64 14.97
N LEU C 206 20.86 -42.47 14.81
CA LEU C 206 20.96 -41.80 13.53
C LEU C 206 22.30 -42.07 12.86
N ASP C 207 22.27 -42.80 11.74
CA ASP C 207 23.46 -43.09 10.95
C ASP C 207 23.16 -42.66 9.51
N LEU C 208 23.87 -41.63 9.04
CA LEU C 208 23.62 -40.99 7.77
C LEU C 208 24.87 -41.06 6.89
N LYS C 209 24.66 -41.05 5.58
CA LYS C 209 25.76 -40.91 4.64
C LYS C 209 25.33 -40.02 3.49
N THR C 210 26.30 -39.36 2.86
CA THR C 210 26.01 -38.43 1.77
C THR C 210 26.86 -38.80 0.57
N GLU C 211 26.21 -38.98 -0.56
CA GLU C 211 26.86 -39.22 -1.84
C GLU C 211 26.80 -37.92 -2.64
N GLU C 212 27.95 -37.30 -2.84
CA GLU C 212 28.02 -36.08 -3.63
C GLU C 212 27.79 -36.38 -5.12
N ASN C 213 27.36 -35.36 -5.85
CA ASN C 213 27.09 -35.51 -7.28
C ASN C 213 27.13 -34.13 -7.93
N LEU C 214 26.87 -34.10 -9.23
CA LEU C 214 26.83 -32.89 -10.04
C LEU C 214 25.43 -32.60 -10.58
N LEU C 215 24.40 -33.04 -9.85
CA LEU C 215 23.03 -32.70 -10.20
C LEU C 215 22.74 -31.23 -9.90
N PRO C 216 21.67 -30.69 -10.49
CA PRO C 216 21.42 -29.24 -10.36
C PRO C 216 21.34 -28.76 -8.93
N ASP C 217 20.71 -29.53 -8.05
CA ASP C 217 20.58 -29.10 -6.66
C ASP C 217 21.89 -29.21 -5.88
N SER C 218 22.96 -29.71 -6.49
CA SER C 218 24.27 -29.70 -5.87
C SER C 218 25.03 -28.40 -6.13
N PHE C 219 24.41 -27.43 -6.78
CA PHE C 219 25.02 -26.15 -7.07
C PHE C 219 24.17 -25.02 -6.49
N VAL C 220 24.84 -23.93 -6.15
CA VAL C 220 24.18 -22.65 -5.91
C VAL C 220 24.73 -21.64 -6.90
N CYS C 221 23.83 -20.90 -7.55
CA CYS C 221 24.23 -19.95 -8.57
C CYS C 221 23.78 -18.57 -8.13
N PHE C 222 24.61 -17.56 -8.39
CA PHE C 222 24.23 -16.18 -8.11
C PHE C 222 24.73 -15.26 -9.21
N GLU C 223 24.03 -14.14 -9.38
CA GLU C 223 24.48 -13.07 -10.24
C GLU C 223 24.54 -11.77 -9.44
N HIS C 224 25.28 -10.79 -9.97
CA HIS C 224 25.34 -9.49 -9.33
C HIS C 224 24.18 -8.63 -9.83
N LYS C 225 23.39 -8.08 -8.92
CA LYS C 225 22.36 -7.13 -9.29
C LYS C 225 22.96 -5.82 -9.78
N GLU C 240 24.30 -5.82 -4.52
CA GLU C 240 23.31 -6.80 -4.05
C GLU C 240 23.43 -8.11 -4.81
N LEU C 241 23.37 -9.23 -4.11
CA LEU C 241 23.41 -10.53 -4.76
C LEU C 241 22.00 -10.97 -5.09
N LYS C 242 21.86 -11.75 -6.16
CA LYS C 242 20.55 -12.25 -6.58
C LYS C 242 20.65 -13.74 -6.88
N SER C 243 19.64 -14.49 -6.43
CA SER C 243 19.58 -15.91 -6.73
C SER C 243 19.33 -16.11 -8.22
N PHE C 244 19.97 -17.12 -8.79
CA PHE C 244 19.92 -17.34 -10.23
C PHE C 244 19.56 -18.81 -10.49
N ASP C 245 18.69 -19.02 -11.48
CA ASP C 245 18.20 -20.36 -11.80
C ASP C 245 19.22 -21.05 -12.69
N ILE C 246 19.85 -22.11 -12.17
CA ILE C 246 20.86 -22.84 -12.92
C ILE C 246 20.32 -23.42 -14.22
N SER C 247 18.99 -23.61 -14.33
CA SER C 247 18.44 -24.23 -15.53
C SER C 247 18.69 -23.39 -16.78
N GLN C 248 18.94 -22.09 -16.61
CA GLN C 248 19.27 -21.21 -17.73
C GLN C 248 20.68 -21.45 -18.29
N CYS C 249 21.54 -22.17 -17.56
CA CYS C 249 22.93 -22.27 -17.99
C CYS C 249 23.08 -23.40 -19.00
N PRO C 250 23.73 -23.15 -20.13
CA PRO C 250 23.93 -24.23 -21.12
C PRO C 250 24.86 -25.29 -20.58
N LYS C 251 24.47 -26.55 -20.80
CA LYS C 251 25.39 -27.66 -20.63
C LYS C 251 26.48 -27.59 -21.69
N ILE C 252 27.61 -28.23 -21.39
CA ILE C 252 28.59 -28.47 -22.45
C ILE C 252 27.91 -29.18 -23.59
N GLY C 253 28.02 -28.62 -24.79
CA GLY C 253 27.36 -29.18 -25.95
C GLY C 253 25.91 -28.78 -26.10
N GLY C 254 25.40 -27.90 -25.25
CA GLY C 254 24.01 -27.49 -25.31
C GLY C 254 23.79 -25.99 -25.34
N HIS C 255 22.56 -25.56 -25.08
CA HIS C 255 22.16 -24.17 -25.21
C HIS C 255 21.44 -23.72 -23.95
N GLY C 256 21.21 -22.42 -23.86
CA GLY C 256 20.53 -21.84 -22.73
C GLY C 256 19.94 -20.48 -23.06
N SER C 257 19.57 -19.75 -22.02
CA SER C 257 19.09 -18.38 -22.18
C SER C 257 20.00 -17.37 -21.51
N LYS C 258 21.04 -17.82 -20.81
CA LYS C 258 21.95 -16.94 -20.09
C LYS C 258 23.37 -17.48 -20.31
N LYS C 259 24.35 -16.69 -19.91
CA LYS C 259 25.73 -17.12 -19.89
C LYS C 259 26.17 -17.36 -18.45
N CYS C 260 26.92 -18.45 -18.22
CA CYS C 260 27.30 -18.82 -16.87
C CYS C 260 28.78 -19.16 -16.80
N THR C 261 29.29 -19.19 -15.57
CA THR C 261 30.63 -19.68 -15.28
C THR C 261 30.65 -20.22 -13.87
N GLY C 262 31.74 -20.88 -13.49
CA GLY C 262 31.83 -21.45 -12.17
C GLY C 262 33.13 -22.17 -11.93
N ASP C 263 33.11 -23.07 -10.97
CA ASP C 263 34.29 -23.78 -10.50
C ASP C 263 34.54 -24.99 -11.39
N ALA C 264 35.55 -25.79 -11.03
CA ALA C 264 35.95 -26.88 -11.90
C ALA C 264 34.83 -27.91 -12.05
N ALA C 265 34.12 -28.19 -10.95
CA ALA C 265 33.00 -29.12 -11.01
C ALA C 265 31.91 -28.59 -11.95
N PHE C 266 31.54 -27.31 -11.79
CA PHE C 266 30.56 -26.71 -12.69
C PHE C 266 31.02 -26.78 -14.13
N CYS C 267 32.27 -26.38 -14.40
CA CYS C 267 32.75 -26.34 -15.78
C CYS C 267 32.97 -27.72 -16.36
N SER C 268 32.96 -28.77 -15.52
CA SER C 268 33.02 -30.14 -16.05
C SER C 268 31.75 -30.51 -16.80
N ALA C 269 30.63 -29.87 -16.49
CA ALA C 269 29.33 -30.24 -17.06
C ALA C 269 28.65 -29.09 -17.78
N TYR C 270 28.94 -27.85 -17.42
CA TYR C 270 28.30 -26.68 -18.00
C TYR C 270 29.34 -25.84 -18.74
N GLU C 271 28.88 -25.09 -19.73
N GLU C 271 28.88 -25.08 -19.72
CA GLU C 271 29.75 -24.16 -20.43
CA GLU C 271 29.77 -24.17 -20.44
C GLU C 271 30.13 -23.01 -19.52
C GLU C 271 30.12 -22.99 -19.57
N CYS C 272 31.40 -22.65 -19.53
CA CYS C 272 31.92 -21.56 -18.71
C CYS C 272 32.45 -20.50 -19.67
N THR C 273 31.91 -19.27 -19.57
CA THR C 273 32.24 -18.20 -20.52
C THR C 273 33.06 -17.10 -19.87
N ALA C 274 33.52 -17.30 -18.64
CA ALA C 274 34.50 -16.41 -18.04
C ALA C 274 33.99 -14.97 -18.03
N GLN C 275 34.61 -14.01 -18.76
CA GLN C 275 34.27 -12.60 -18.56
C GLN C 275 32.90 -12.15 -19.09
N TYR C 276 32.26 -12.92 -19.94
CA TYR C 276 30.91 -12.74 -20.47
C TYR C 276 29.78 -13.42 -19.70
N ALA C 277 30.08 -14.16 -18.65
CA ALA C 277 29.03 -14.95 -18.02
C ALA C 277 28.10 -13.98 -17.28
N ASN C 278 26.83 -14.34 -17.20
CA ASN C 278 25.88 -13.60 -16.37
C ASN C 278 25.83 -14.06 -14.92
N ALA C 279 26.36 -15.23 -14.60
CA ALA C 279 26.19 -15.78 -13.26
C ALA C 279 27.35 -16.70 -12.94
N TYR C 280 27.61 -16.86 -11.64
CA TYR C 280 28.62 -17.76 -11.12
C TYR C 280 27.95 -18.85 -10.29
N CYS C 281 28.35 -20.10 -10.55
CA CYS C 281 27.76 -21.28 -9.93
C CYS C 281 28.86 -22.06 -9.21
N SER C 282 28.58 -22.49 -7.98
CA SER C 282 29.57 -23.23 -7.23
C SER C 282 28.94 -24.40 -6.49
N HIS C 283 29.77 -25.42 -6.23
CA HIS C 283 29.30 -26.65 -5.62
C HIS C 283 28.87 -26.39 -4.17
N ALA C 284 27.69 -26.89 -3.81
CA ALA C 284 27.08 -26.62 -2.52
C ALA C 284 27.64 -27.56 -1.45
N ASN C 285 28.20 -26.98 -0.38
CA ASN C 285 28.79 -27.75 0.71
C ASN C 285 27.77 -28.75 1.22
N GLY C 286 28.15 -30.02 1.21
CA GLY C 286 27.22 -30.93 1.81
C GLY C 286 26.15 -31.37 0.87
N SER C 287 26.12 -30.88 -0.38
CA SER C 287 25.01 -31.33 -1.18
C SER C 287 25.28 -32.75 -1.66
N GLY C 288 24.22 -33.40 -2.01
CA GLY C 288 24.32 -34.75 -2.54
C GLY C 288 23.19 -35.51 -1.88
N ILE C 289 23.08 -36.79 -2.22
CA ILE C 289 22.04 -37.65 -1.67
C ILE C 289 22.41 -38.11 -0.26
N VAL C 290 21.57 -37.83 0.71
CA VAL C 290 21.78 -38.32 2.06
C VAL C 290 20.92 -39.56 2.09
N GLN C 291 21.48 -40.66 2.57
CA GLN C 291 20.78 -41.90 2.84
C GLN C 291 20.91 -42.19 4.32
N ILE C 292 20.00 -43.01 4.80
CA ILE C 292 19.93 -43.28 6.22
C ILE C 292 19.83 -44.78 6.43
N GLN C 293 20.46 -45.22 7.51
CA GLN C 293 20.46 -46.62 7.89
C GLN C 293 19.27 -46.90 8.80
N VAL C 294 18.46 -47.87 8.40
CA VAL C 294 17.22 -48.22 9.07
C VAL C 294 17.15 -49.73 9.12
N SER C 295 17.10 -50.28 10.33
CA SER C 295 17.18 -51.72 10.59
C SER C 295 18.27 -52.37 9.73
N GLY C 296 19.45 -51.77 9.74
CA GLY C 296 20.60 -52.40 9.13
C GLY C 296 20.76 -52.16 7.64
N VAL C 297 19.85 -51.43 7.00
CA VAL C 297 19.89 -51.28 5.54
C VAL C 297 19.90 -49.79 5.21
N TRP C 298 20.61 -49.44 4.15
CA TRP C 298 20.61 -48.06 3.67
C TRP C 298 19.42 -47.80 2.75
N LYS C 299 18.71 -46.71 3.01
CA LYS C 299 17.53 -46.34 2.24
C LYS C 299 17.59 -44.84 1.95
N LYS C 300 16.90 -44.44 0.87
CA LYS C 300 16.84 -43.05 0.47
C LYS C 300 15.56 -42.44 1.00
N PRO C 301 15.61 -41.66 2.07
CA PRO C 301 14.40 -41.09 2.67
C PRO C 301 13.86 -39.89 1.91
N LEU C 302 12.59 -39.58 2.17
CA LEU C 302 12.06 -38.27 1.81
C LEU C 302 12.56 -37.20 2.77
N CYS C 303 12.44 -37.44 4.08
CA CYS C 303 12.90 -36.45 5.04
C CYS C 303 13.54 -37.14 6.24
N VAL C 304 14.48 -36.43 6.88
CA VAL C 304 15.16 -36.92 8.08
C VAL C 304 15.15 -35.80 9.12
N GLY C 305 14.85 -36.15 10.37
CA GLY C 305 14.85 -35.11 11.39
C GLY C 305 14.90 -35.65 12.80
N TYR C 306 14.87 -34.71 13.74
CA TYR C 306 14.70 -34.97 15.16
C TYR C 306 13.47 -34.24 15.66
N GLU C 307 12.79 -34.88 16.62
CA GLU C 307 11.78 -34.19 17.41
C GLU C 307 11.80 -34.74 18.83
N ARG C 308 11.27 -33.95 19.76
CA ARG C 308 11.27 -34.29 21.18
C ARG C 308 9.89 -34.78 21.57
N VAL C 309 9.81 -36.06 21.96
CA VAL C 309 8.53 -36.72 22.18
C VAL C 309 8.60 -37.56 23.46
N VAL C 310 7.43 -37.82 24.02
CA VAL C 310 7.32 -38.73 25.15
C VAL C 310 7.72 -40.13 24.72
N VAL C 311 8.61 -40.77 25.47
CA VAL C 311 9.00 -42.15 25.24
C VAL C 311 8.82 -42.90 26.55
N LYS C 312 8.14 -44.05 26.48
CA LYS C 312 7.91 -44.90 27.64
C LYS C 312 8.61 -46.24 27.40
N ARG C 313 9.45 -46.66 28.33
CA ARG C 313 10.26 -47.84 28.12
C ARG C 313 9.99 -48.87 29.21
N GLU C 314 10.17 -50.14 28.84
CA GLU C 314 10.11 -51.23 29.81
C GLU C 314 11.22 -51.09 30.84
N LEU C 315 10.91 -51.41 32.09
CA LEU C 315 11.86 -51.19 33.17
C LEU C 315 12.91 -52.30 33.22
#